data_8I1Y
#
_entry.id   8I1Y
#
_cell.length_a   61.690
_cell.length_b   79.970
_cell.length_c   78.540
_cell.angle_alpha   90.00
_cell.angle_beta   105.79
_cell.angle_gamma   90.00
#
_symmetry.space_group_name_H-M   'P 1 21 1'
#
loop_
_entity.id
_entity.type
_entity.pdbx_description
1 polymer 'Tryptophan--tRNA ligase'
2 non-polymer 5-ethanoylthiophene-2-carbonitrile
3 non-polymer 'SULFATE ION'
4 non-polymer "TRYPTOPHANYL-5'AMP"
5 water water
#
_entity_poly.entity_id   1
_entity_poly.type   'polypeptide(L)'
_entity_poly.pdbx_seq_one_letter_code
;MTKPIVFSGAQPSGELTIGNYMGALRQWVNMQDDYHCIYCIVDQHAITVRQDAQKLRKATLDTLALYLACGIDPEKSTIF
VQSHVPEHAQLGWALNCYTYFGELSRMTQFKDKSARYAENINAGLFDYPVLMAADILLYQTNLVPVGEDQKQHLELSRDI
AQRFNALYGEIFKVPEPFIPKSGARVMSLLEPTKKMSKSDDNRNNVIGLLEDPKSVVKKIKRAVTDSDEPPVVRYDVQNK
AGVSNLLDILSAVTGQSIPELEKQFEGKMYGHLKGEVADAVSGMLTELQERYHRFRNDEAFLQQVMKDGAEKASAHASRT
LKAVYEAIGFVAKRHHHHHH
;
_entity_poly.pdbx_strand_id   A,B
#
# COMPACT_ATOMS: atom_id res chain seq x y z
N LYS A 3 -25.44 -3.85 16.60
CA LYS A 3 -24.36 -4.69 17.22
C LYS A 3 -23.00 -4.03 16.96
N PRO A 4 -22.05 -4.08 17.92
CA PRO A 4 -20.70 -3.60 17.63
C PRO A 4 -20.00 -4.46 16.57
N ILE A 5 -19.15 -3.81 15.78
CA ILE A 5 -18.37 -4.49 14.72
C ILE A 5 -17.03 -4.92 15.31
N VAL A 6 -16.70 -6.19 15.08
CA VAL A 6 -15.46 -6.83 15.59
C VAL A 6 -14.63 -7.26 14.38
N PHE A 7 -13.37 -6.87 14.36
CA PHE A 7 -12.45 -7.23 13.24
C PHE A 7 -11.31 -8.11 13.74
N SER A 8 -11.10 -9.23 13.06
CA SER A 8 -9.97 -10.16 13.33
C SER A 8 -9.27 -10.48 12.01
N GLY A 9 -7.95 -10.39 12.02
CA GLY A 9 -7.10 -10.83 10.90
C GLY A 9 -6.60 -12.24 11.16
N ALA A 10 -6.81 -13.16 10.22
CA ALA A 10 -6.38 -14.57 10.32
C ALA A 10 -5.23 -14.82 9.35
N GLN A 11 -4.03 -15.11 9.86
CA GLN A 11 -2.83 -15.35 9.03
C GLN A 11 -3.01 -16.68 8.29
N PRO A 12 -2.82 -16.71 6.94
CA PRO A 12 -2.83 -17.97 6.20
C PRO A 12 -1.45 -18.64 6.19
N SER A 13 -1.03 -19.16 7.35
CA SER A 13 0.29 -19.84 7.50
C SER A 13 0.29 -20.71 8.75
N GLY A 14 0.08 -20.09 9.91
CA GLY A 14 0.09 -20.80 11.20
C GLY A 14 -0.97 -21.89 11.23
N GLU A 15 -0.56 -23.10 11.60
CA GLU A 15 -1.51 -24.23 11.83
C GLU A 15 -2.01 -24.09 13.27
N LEU A 16 -3.32 -23.99 13.44
CA LEU A 16 -3.93 -23.63 14.76
C LEU A 16 -3.75 -24.79 15.73
N THR A 17 -3.58 -24.44 17.01
CA THR A 17 -3.44 -25.42 18.12
C THR A 17 -4.74 -25.50 18.92
N ILE A 18 -4.79 -26.45 19.85
CA ILE A 18 -5.95 -26.55 20.80
C ILE A 18 -5.98 -25.30 21.69
N GLY A 19 -4.84 -24.64 21.91
CA GLY A 19 -4.78 -23.36 22.66
C GLY A 19 -5.54 -22.26 21.92
N ASN A 20 -5.28 -22.15 20.62
CA ASN A 20 -6.00 -21.20 19.73
C ASN A 20 -7.50 -21.49 19.75
N TYR A 21 -7.88 -22.77 19.67
CA TYR A 21 -9.30 -23.17 19.52
C TYR A 21 -10.06 -23.00 20.83
N MET A 22 -9.55 -23.59 21.92
CA MET A 22 -10.29 -23.62 23.22
C MET A 22 -10.19 -22.26 23.92
N GLY A 23 -9.18 -21.45 23.58
CA GLY A 23 -9.12 -20.05 24.00
C GLY A 23 -10.03 -19.21 23.13
N ALA A 24 -9.42 -18.40 22.26
CA ALA A 24 -10.09 -17.30 21.54
C ALA A 24 -11.17 -17.82 20.58
N LEU A 25 -10.87 -18.84 19.77
CA LEU A 25 -11.79 -19.21 18.67
C LEU A 25 -13.13 -19.70 19.25
N ARG A 26 -13.10 -20.59 20.23
CA ARG A 26 -14.34 -21.12 20.84
C ARG A 26 -15.11 -19.97 21.50
N GLN A 27 -14.42 -19.10 22.24
CA GLN A 27 -14.98 -17.84 22.82
C GLN A 27 -15.79 -17.12 21.72
N TRP A 28 -15.17 -16.89 20.57
CA TRP A 28 -15.75 -16.02 19.50
C TRP A 28 -16.81 -16.75 18.67
N VAL A 29 -16.67 -18.06 18.47
CA VAL A 29 -17.71 -18.87 17.76
C VAL A 29 -19.07 -18.67 18.47
N ASN A 30 -19.08 -18.58 19.80
CA ASN A 30 -20.36 -18.49 20.58
C ASN A 30 -20.78 -17.02 20.81
N MET A 31 -20.18 -16.06 20.10
CA MET A 31 -20.58 -14.63 20.22
C MET A 31 -20.93 -14.04 18.85
N GLN A 32 -21.26 -14.88 17.87
CA GLN A 32 -21.51 -14.42 16.48
C GLN A 32 -22.87 -13.71 16.35
N ASP A 33 -23.79 -13.89 17.29
CA ASP A 33 -25.09 -13.16 17.30
C ASP A 33 -25.02 -11.91 18.18
N ASP A 34 -24.01 -11.84 19.04
CA ASP A 34 -23.80 -10.68 19.96
C ASP A 34 -23.14 -9.51 19.22
N TYR A 35 -22.26 -9.82 18.29
CA TYR A 35 -21.45 -8.82 17.54
C TYR A 35 -21.55 -9.10 16.05
N HIS A 36 -21.25 -8.08 15.27
CA HIS A 36 -21.00 -8.19 13.81
C HIS A 36 -19.52 -8.53 13.64
N CYS A 37 -19.21 -9.81 13.55
CA CYS A 37 -17.81 -10.31 13.54
C CYS A 37 -17.32 -10.41 12.10
N ILE A 38 -16.13 -9.88 11.88
CA ILE A 38 -15.46 -9.92 10.55
C ILE A 38 -14.16 -10.71 10.72
N TYR A 39 -13.97 -11.70 9.86
CA TYR A 39 -12.75 -12.53 9.79
C TYR A 39 -12.10 -12.34 8.43
N CYS A 40 -10.95 -11.69 8.43
CA CYS A 40 -10.22 -11.34 7.20
C CYS A 40 -8.99 -12.23 7.09
N ILE A 41 -8.94 -13.10 6.09
CA ILE A 41 -7.74 -13.97 5.88
C ILE A 41 -6.68 -13.11 5.18
N VAL A 42 -5.62 -12.76 5.91
CA VAL A 42 -4.72 -11.63 5.52
C VAL A 42 -3.58 -12.12 4.61
N ASP A 43 -3.90 -12.48 3.38
CA ASP A 43 -2.89 -12.93 2.38
C ASP A 43 -1.95 -11.77 2.01
N GLN A 44 -2.42 -10.52 2.02
CA GLN A 44 -1.53 -9.36 1.70
C GLN A 44 -0.52 -9.13 2.82
N HIS A 45 -0.86 -9.47 4.07
CA HIS A 45 0.13 -9.38 5.18
C HIS A 45 1.16 -10.50 5.06
N ALA A 46 0.74 -11.69 4.62
CA ALA A 46 1.59 -12.90 4.57
C ALA A 46 2.81 -12.64 3.67
N ILE A 47 2.62 -11.93 2.56
CA ILE A 47 3.68 -11.78 1.51
C ILE A 47 4.80 -10.84 1.95
N THR A 48 4.72 -10.23 3.13
CA THR A 48 5.88 -9.50 3.73
C THR A 48 7.00 -10.50 4.06
N VAL A 49 6.67 -11.78 4.17
CA VAL A 49 7.68 -12.86 4.33
C VAL A 49 7.69 -13.68 3.05
N ARG A 50 8.81 -13.66 2.33
CA ARG A 50 8.98 -14.41 1.08
C ARG A 50 8.63 -15.88 1.34
N GLN A 51 7.80 -16.47 0.51
CA GLN A 51 7.37 -17.88 0.68
C GLN A 51 6.90 -18.47 -0.64
N ASP A 52 6.80 -19.79 -0.66
CA ASP A 52 6.34 -20.56 -1.85
C ASP A 52 4.92 -20.12 -2.18
N ALA A 53 4.66 -19.85 -3.47
CA ALA A 53 3.39 -19.29 -3.95
C ALA A 53 2.26 -20.32 -3.80
N GLN A 54 2.48 -21.54 -4.27
CA GLN A 54 1.43 -22.60 -4.23
C GLN A 54 1.08 -22.92 -2.78
N LYS A 55 2.06 -22.92 -1.88
CA LYS A 55 1.82 -23.18 -0.43
C LYS A 55 0.96 -22.07 0.18
N LEU A 56 1.12 -20.83 -0.28
CA LEU A 56 0.35 -19.66 0.24
C LEU A 56 -1.11 -19.79 -0.22
N ARG A 57 -1.32 -20.16 -1.49
CA ARG A 57 -2.69 -20.40 -2.03
C ARG A 57 -3.34 -21.53 -1.22
N LYS A 58 -2.61 -22.63 -1.05
CA LYS A 58 -3.08 -23.80 -0.26
C LYS A 58 -3.42 -23.36 1.17
N ALA A 59 -2.55 -22.59 1.82
CA ALA A 59 -2.70 -22.18 3.24
C ALA A 59 -3.88 -21.22 3.43
N THR A 60 -4.17 -20.39 2.42
CA THR A 60 -5.35 -19.50 2.42
C THR A 60 -6.61 -20.36 2.53
N LEU A 61 -6.73 -21.37 1.66
CA LEU A 61 -7.88 -22.30 1.65
C LEU A 61 -7.89 -23.15 2.91
N ASP A 62 -6.72 -23.59 3.39
CA ASP A 62 -6.62 -24.40 4.63
C ASP A 62 -7.22 -23.59 5.79
N THR A 63 -6.85 -22.31 5.88
CA THR A 63 -7.28 -21.41 6.97
C THR A 63 -8.78 -21.16 6.88
N LEU A 64 -9.30 -20.87 5.68
CA LEU A 64 -10.76 -20.66 5.46
C LEU A 64 -11.53 -21.90 5.96
N ALA A 65 -11.14 -23.09 5.51
CA ALA A 65 -11.83 -24.35 5.86
C ALA A 65 -11.81 -24.56 7.39
N LEU A 66 -10.68 -24.28 8.04
CA LEU A 66 -10.50 -24.56 9.49
C LEU A 66 -11.34 -23.58 10.33
N TYR A 67 -11.40 -22.30 9.96
CA TYR A 67 -12.26 -21.30 10.63
C TYR A 67 -13.72 -21.75 10.49
N LEU A 68 -14.11 -22.20 9.30
CA LEU A 68 -15.49 -22.73 9.07
C LEU A 68 -15.72 -23.99 9.93
N ALA A 69 -14.75 -24.91 9.97
CA ALA A 69 -14.83 -26.17 10.76
C ALA A 69 -14.94 -25.86 12.25
N CYS A 70 -14.24 -24.82 12.72
CA CYS A 70 -14.28 -24.41 14.16
C CYS A 70 -15.65 -23.80 14.51
N GLY A 71 -16.45 -23.40 13.52
CA GLY A 71 -17.84 -22.97 13.74
C GLY A 71 -18.09 -21.53 13.33
N ILE A 72 -17.13 -20.86 12.70
CA ILE A 72 -17.43 -19.53 12.09
C ILE A 72 -18.49 -19.77 11.03
N ASP A 73 -19.59 -19.04 11.18
CA ASP A 73 -20.80 -19.20 10.34
C ASP A 73 -20.80 -18.08 9.32
N PRO A 74 -20.66 -18.37 8.01
CA PRO A 74 -20.61 -17.32 7.00
C PRO A 74 -21.95 -16.60 6.77
N GLU A 75 -23.04 -17.14 7.31
CA GLU A 75 -24.37 -16.48 7.29
C GLU A 75 -24.49 -15.46 8.42
N LYS A 76 -23.78 -15.68 9.54
CA LYS A 76 -23.81 -14.77 10.71
C LYS A 76 -22.64 -13.78 10.63
N SER A 77 -21.44 -14.29 10.42
CA SER A 77 -20.19 -13.49 10.37
C SER A 77 -19.80 -13.25 8.92
N THR A 78 -18.93 -12.27 8.72
CA THR A 78 -18.31 -11.97 7.41
C THR A 78 -16.92 -12.59 7.40
N ILE A 79 -16.70 -13.56 6.51
CA ILE A 79 -15.35 -14.18 6.38
C ILE A 79 -14.94 -14.06 4.91
N PHE A 80 -13.75 -13.52 4.67
CA PHE A 80 -13.28 -13.22 3.30
C PHE A 80 -11.76 -13.21 3.23
N VAL A 81 -11.26 -13.25 2.01
CA VAL A 81 -9.80 -13.15 1.70
C VAL A 81 -9.48 -11.66 1.47
N GLN A 82 -8.49 -11.15 2.21
CA GLN A 82 -8.10 -9.71 2.19
C GLN A 82 -7.91 -9.20 0.75
N SER A 83 -7.15 -9.94 -0.07
CA SER A 83 -6.79 -9.52 -1.45
C SER A 83 -8.02 -9.41 -2.36
N HIS A 84 -9.16 -9.99 -1.97
CA HIS A 84 -10.41 -9.95 -2.76
C HIS A 84 -11.13 -8.61 -2.60
N VAL A 85 -10.65 -7.74 -1.70
CA VAL A 85 -11.30 -6.44 -1.41
C VAL A 85 -10.25 -5.36 -1.63
N PRO A 86 -10.20 -4.75 -2.85
CA PRO A 86 -9.21 -3.74 -3.19
C PRO A 86 -9.10 -2.57 -2.19
N GLU A 87 -10.21 -2.25 -1.52
CA GLU A 87 -10.31 -1.10 -0.60
C GLU A 87 -9.24 -1.16 0.49
N HIS A 88 -8.77 -2.34 0.88
CA HIS A 88 -7.69 -2.48 1.90
C HIS A 88 -6.43 -1.75 1.45
N ALA A 89 -5.96 -2.06 0.24
CA ALA A 89 -4.75 -1.45 -0.34
C ALA A 89 -5.01 0.04 -0.62
N GLN A 90 -6.20 0.37 -1.08
CA GLN A 90 -6.56 1.77 -1.42
C GLN A 90 -6.50 2.62 -0.15
N LEU A 91 -7.14 2.18 0.93
CA LEU A 91 -7.16 2.96 2.18
C LEU A 91 -5.76 2.99 2.78
N GLY A 92 -5.05 1.86 2.70
CA GLY A 92 -3.68 1.75 3.25
C GLY A 92 -2.75 2.79 2.65
N TRP A 93 -2.79 2.99 1.33
CA TRP A 93 -1.99 4.06 0.69
C TRP A 93 -2.40 5.43 1.26
N ALA A 94 -3.69 5.72 1.28
CA ALA A 94 -4.19 7.00 1.81
C ALA A 94 -3.67 7.20 3.24
N LEU A 95 -3.75 6.18 4.09
CA LEU A 95 -3.37 6.30 5.51
C LEU A 95 -1.85 6.45 5.66
N ASN A 96 -1.06 5.88 4.74
CA ASN A 96 0.40 6.14 4.65
C ASN A 96 0.69 7.65 4.72
N CYS A 97 -0.12 8.45 4.04
CA CYS A 97 0.07 9.92 3.92
C CYS A 97 -0.34 10.66 5.20
N TYR A 98 -0.95 9.97 6.16
CA TYR A 98 -1.33 10.53 7.48
C TYR A 98 -0.66 9.75 8.61
N THR A 99 0.37 8.98 8.28
CA THR A 99 1.18 8.21 9.25
C THR A 99 2.60 8.76 9.24
N TYR A 100 3.14 9.10 10.41
CA TYR A 100 4.53 9.59 10.51
C TYR A 100 5.48 8.44 10.19
N PHE A 101 6.50 8.73 9.38
CA PHE A 101 7.66 7.82 9.15
C PHE A 101 8.21 7.37 10.53
N GLY A 102 8.32 8.31 11.47
CA GLY A 102 8.83 8.05 12.83
C GLY A 102 7.98 7.04 13.59
N GLU A 103 6.66 7.08 13.43
CA GLU A 103 5.75 6.08 14.08
C GLU A 103 6.09 4.65 13.65
N LEU A 104 6.37 4.44 12.35
CA LEU A 104 6.72 3.09 11.83
C LEU A 104 8.15 2.72 12.27
N SER A 105 9.04 3.72 12.33
CA SER A 105 10.44 3.52 12.76
C SER A 105 10.46 3.06 14.22
N ARG A 106 9.56 3.62 15.03
CA ARG A 106 9.53 3.41 16.50
C ARG A 106 8.75 2.15 16.86
N MET A 107 8.24 1.41 15.87
CA MET A 107 7.57 0.12 16.17
C MET A 107 8.63 -0.79 16.82
N THR A 108 8.27 -1.49 17.90
CA THR A 108 9.23 -2.30 18.70
C THR A 108 10.04 -3.18 17.75
N GLN A 109 9.38 -4.01 16.93
CA GLN A 109 10.05 -4.85 15.89
C GLN A 109 11.05 -3.98 15.10
N ALA A 118 18.24 -2.98 8.95
CA ALA A 118 17.08 -2.25 8.39
C ALA A 118 17.24 -2.07 6.88
N GLU A 119 18.47 -2.09 6.38
CA GLU A 119 18.74 -1.86 4.94
C GLU A 119 18.06 -2.96 4.11
N ASN A 120 18.08 -4.21 4.57
CA ASN A 120 17.62 -5.37 3.76
C ASN A 120 16.25 -5.90 4.22
N ILE A 121 15.61 -5.27 5.20
CA ILE A 121 14.15 -5.47 5.45
C ILE A 121 13.38 -4.97 4.22
N ASN A 122 12.39 -5.71 3.74
CA ASN A 122 11.53 -5.24 2.62
C ASN A 122 10.56 -4.18 3.16
N ALA A 123 10.09 -3.29 2.28
CA ALA A 123 9.24 -2.14 2.66
C ALA A 123 7.91 -2.62 3.24
N GLY A 124 7.46 -3.82 2.85
CA GLY A 124 6.23 -4.43 3.38
C GLY A 124 6.33 -4.65 4.89
N LEU A 125 7.46 -5.17 5.34
CA LEU A 125 7.66 -5.47 6.79
C LEU A 125 7.74 -4.15 7.56
N PHE A 126 8.23 -3.09 6.93
CA PHE A 126 8.25 -1.73 7.53
C PHE A 126 6.83 -1.13 7.58
N ASP A 127 6.07 -1.29 6.50
CA ASP A 127 4.83 -0.48 6.24
C ASP A 127 3.54 -1.23 6.64
N TYR A 128 3.60 -2.52 6.97
CA TYR A 128 2.36 -3.32 7.18
C TYR A 128 1.51 -2.80 8.34
N PRO A 129 2.03 -2.09 9.38
CA PRO A 129 1.12 -1.56 10.41
C PRO A 129 0.08 -0.59 9.85
N VAL A 130 0.42 0.10 8.76
CA VAL A 130 -0.52 1.04 8.09
C VAL A 130 -1.62 0.21 7.40
N LEU A 131 -1.26 -0.88 6.73
CA LEU A 131 -2.26 -1.78 6.10
C LEU A 131 -3.16 -2.38 7.19
N MET A 132 -2.59 -2.75 8.33
CA MET A 132 -3.37 -3.24 9.49
C MET A 132 -4.38 -2.18 9.94
N ALA A 133 -3.97 -0.92 10.03
CA ALA A 133 -4.87 0.21 10.38
C ALA A 133 -6.00 0.29 9.36
N ALA A 134 -5.68 0.21 8.07
CA ALA A 134 -6.68 0.23 6.99
C ALA A 134 -7.64 -0.96 7.14
N ASP A 135 -7.11 -2.15 7.42
CA ASP A 135 -7.93 -3.38 7.59
C ASP A 135 -9.04 -3.12 8.62
N ILE A 136 -8.68 -2.51 9.75
CA ILE A 136 -9.62 -2.25 10.87
C ILE A 136 -10.55 -1.08 10.51
N LEU A 137 -9.98 0.04 10.08
CA LEU A 137 -10.76 1.30 9.94
C LEU A 137 -11.78 1.20 8.79
N LEU A 138 -11.51 0.40 7.76
CA LEU A 138 -12.48 0.23 6.63
C LEU A 138 -13.89 -0.14 7.12
N TYR A 139 -14.00 -0.94 8.17
CA TYR A 139 -15.30 -1.60 8.55
C TYR A 139 -15.96 -0.88 9.73
N GLN A 140 -15.53 0.35 10.04
CA GLN A 140 -16.11 1.12 11.17
C GLN A 140 -16.02 0.24 12.42
N THR A 141 -14.87 -0.40 12.60
CA THR A 141 -14.67 -1.44 13.64
C THR A 141 -14.73 -0.80 15.03
N ASN A 142 -15.49 -1.41 15.93
CA ASN A 142 -15.58 -0.97 17.34
C ASN A 142 -14.55 -1.71 18.20
N LEU A 143 -14.39 -3.00 17.95
CA LEU A 143 -13.57 -3.89 18.81
C LEU A 143 -12.58 -4.71 18.00
N VAL A 144 -11.37 -4.84 18.53
CA VAL A 144 -10.30 -5.67 17.92
C VAL A 144 -9.75 -6.57 19.00
N PRO A 145 -9.89 -7.90 18.87
CA PRO A 145 -9.19 -8.80 19.79
C PRO A 145 -7.71 -8.81 19.39
N VAL A 146 -6.83 -8.33 20.28
CA VAL A 146 -5.37 -8.31 20.02
C VAL A 146 -4.64 -9.10 21.11
N GLY A 147 -3.59 -9.81 20.69
CA GLY A 147 -2.57 -10.34 21.60
C GLY A 147 -1.61 -9.22 21.99
N GLU A 148 -0.77 -9.47 23.00
CA GLU A 148 0.21 -8.47 23.50
C GLU A 148 1.08 -7.97 22.34
N ASP A 149 1.49 -8.89 21.45
CA ASP A 149 2.37 -8.63 20.28
C ASP A 149 1.81 -7.57 19.31
N GLN A 150 0.50 -7.32 19.28
CA GLN A 150 -0.11 -6.36 18.32
C GLN A 150 -0.85 -5.21 19.02
N LYS A 151 -0.55 -4.95 20.30
CA LYS A 151 -1.15 -3.81 21.03
C LYS A 151 -0.62 -2.48 20.46
N GLN A 152 0.67 -2.42 20.16
CA GLN A 152 1.32 -1.22 19.54
C GLN A 152 0.63 -0.90 18.20
N HIS A 153 0.29 -1.93 17.44
CA HIS A 153 -0.34 -1.80 16.10
C HIS A 153 -1.76 -1.24 16.26
N LEU A 154 -2.50 -1.73 17.24
CA LEU A 154 -3.85 -1.19 17.54
C LEU A 154 -3.72 0.27 17.97
N GLU A 155 -2.72 0.62 18.79
CA GLU A 155 -2.54 2.02 19.24
C GLU A 155 -2.27 2.93 18.04
N LEU A 156 -1.43 2.50 17.10
CA LEU A 156 -1.17 3.30 15.87
C LEU A 156 -2.48 3.49 15.10
N SER A 157 -3.30 2.44 14.97
CA SER A 157 -4.59 2.50 14.23
C SER A 157 -5.50 3.55 14.87
N ARG A 158 -5.52 3.58 16.21
CA ARG A 158 -6.33 4.56 16.98
C ARG A 158 -5.79 5.97 16.75
N ASP A 159 -4.46 6.12 16.75
CA ASP A 159 -3.81 7.45 16.55
C ASP A 159 -4.12 7.96 15.15
N ILE A 160 -4.02 7.09 14.13
CA ILE A 160 -4.32 7.46 12.73
C ILE A 160 -5.79 7.89 12.62
N ALA A 161 -6.69 7.12 13.22
CA ALA A 161 -8.14 7.39 13.16
C ALA A 161 -8.43 8.76 13.77
N GLN A 162 -7.91 9.02 14.97
CA GLN A 162 -8.15 10.30 15.69
C GLN A 162 -7.55 11.46 14.90
N ARG A 163 -6.35 11.27 14.33
CA ARG A 163 -5.65 12.31 13.54
C ARG A 163 -6.47 12.69 12.31
N PHE A 164 -6.90 11.69 11.55
CA PHE A 164 -7.70 11.90 10.32
C PHE A 164 -9.05 12.54 10.67
N ASN A 165 -9.70 12.01 11.71
CA ASN A 165 -11.02 12.53 12.17
C ASN A 165 -10.87 14.00 12.57
N ALA A 166 -9.79 14.35 13.25
CA ALA A 166 -9.53 15.73 13.74
C ALA A 166 -9.45 16.69 12.55
N LEU A 167 -8.90 16.24 11.43
CA LEU A 167 -8.80 17.07 10.19
C LEU A 167 -10.14 17.14 9.47
N TYR A 168 -10.88 16.03 9.37
CA TYR A 168 -11.93 15.89 8.32
C TYR A 168 -13.33 15.61 8.85
N GLY A 169 -13.51 15.39 10.15
CA GLY A 169 -14.82 15.01 10.72
C GLY A 169 -14.81 13.55 11.10
N GLU A 170 -15.93 13.04 11.62
CA GLU A 170 -15.97 11.68 12.22
C GLU A 170 -16.14 10.63 11.11
N ILE A 171 -15.08 10.46 10.32
CA ILE A 171 -15.04 9.49 9.19
C ILE A 171 -14.87 8.07 9.74
N PHE A 172 -13.95 7.91 10.68
CA PHE A 172 -13.59 6.59 11.26
C PHE A 172 -14.14 6.46 12.68
N LYS A 173 -14.53 5.24 13.03
CA LYS A 173 -14.69 4.84 14.45
C LYS A 173 -13.30 4.65 15.02
N VAL A 174 -13.08 5.12 16.25
CA VAL A 174 -11.83 4.83 17.00
C VAL A 174 -11.99 3.45 17.60
N PRO A 175 -11.23 2.42 17.15
CA PRO A 175 -11.44 1.07 17.66
C PRO A 175 -10.89 0.92 19.08
N GLU A 176 -11.47 -0.01 19.83
CA GLU A 176 -11.01 -0.36 21.20
C GLU A 176 -10.52 -1.80 21.23
N PRO A 177 -9.56 -2.14 22.10
CA PRO A 177 -9.21 -3.53 22.29
C PRO A 177 -10.39 -4.28 22.93
N PHE A 178 -10.62 -5.52 22.52
CA PHE A 178 -11.55 -6.42 23.21
C PHE A 178 -10.84 -6.93 24.45
N ILE A 179 -11.24 -6.47 25.64
CA ILE A 179 -10.45 -6.69 26.90
C ILE A 179 -10.62 -8.13 27.37
N PRO A 180 -11.85 -8.64 27.62
CA PRO A 180 -12.00 -9.90 28.35
C PRO A 180 -11.40 -11.11 27.60
N LYS A 181 -10.59 -11.89 28.31
CA LYS A 181 -9.85 -13.05 27.74
C LYS A 181 -10.63 -14.35 27.97
N SER A 182 -10.28 -15.38 27.21
CA SER A 182 -11.05 -16.64 27.04
C SER A 182 -11.30 -17.34 28.39
N GLY A 183 -10.27 -17.49 29.22
CA GLY A 183 -10.36 -18.20 30.51
C GLY A 183 -9.85 -19.62 30.44
N ALA A 184 -9.73 -20.19 29.22
CA ALA A 184 -9.07 -21.49 28.98
C ALA A 184 -7.55 -21.28 28.97
N ARG A 185 -6.83 -21.98 29.85
CA ARG A 185 -5.35 -21.90 29.93
C ARG A 185 -4.75 -23.14 29.28
N VAL A 186 -3.89 -22.96 28.28
CA VAL A 186 -3.26 -24.07 27.53
C VAL A 186 -1.77 -23.76 27.35
N MET A 187 -0.93 -24.46 28.12
CA MET A 187 0.53 -24.21 28.12
C MET A 187 1.26 -25.27 27.29
N SER A 188 2.52 -25.00 27.00
CA SER A 188 3.39 -25.89 26.17
C SER A 188 3.64 -27.20 26.91
N LEU A 189 3.61 -28.32 26.19
CA LEU A 189 3.64 -29.67 26.82
C LEU A 189 5.00 -29.93 27.44
N LEU A 190 6.10 -29.53 26.79
CA LEU A 190 7.48 -29.75 27.32
C LEU A 190 8.01 -28.49 28.04
N GLU A 191 7.22 -27.42 28.12
CA GLU A 191 7.58 -26.17 28.86
C GLU A 191 6.32 -25.52 29.42
N PRO A 192 5.72 -26.08 30.50
CA PRO A 192 4.41 -25.60 30.98
C PRO A 192 4.35 -24.17 31.55
N THR A 193 5.49 -23.50 31.71
CA THR A 193 5.54 -22.06 32.08
C THR A 193 5.25 -21.19 30.84
N LYS A 194 5.55 -21.71 29.65
CA LYS A 194 5.37 -21.01 28.35
C LYS A 194 4.00 -21.35 27.78
N LYS A 195 3.28 -20.35 27.25
CA LYS A 195 1.93 -20.55 26.66
C LYS A 195 2.09 -21.34 25.36
N MET A 196 1.15 -22.25 25.08
CA MET A 196 1.15 -23.02 23.82
C MET A 196 0.87 -22.05 22.68
N SER A 197 1.83 -21.88 21.80
CA SER A 197 1.81 -20.90 20.68
C SER A 197 1.89 -21.64 19.35
N LYS A 198 1.06 -21.25 18.39
CA LYS A 198 1.08 -21.78 16.99
C LYS A 198 2.47 -21.54 16.38
N SER A 199 3.09 -20.40 16.69
CA SER A 199 4.40 -19.97 16.14
C SER A 199 5.58 -20.71 16.81
N ASP A 200 5.34 -21.45 17.88
CA ASP A 200 6.39 -22.21 18.62
C ASP A 200 7.18 -23.08 17.65
N ASP A 201 8.52 -22.98 17.68
CA ASP A 201 9.43 -23.73 16.78
C ASP A 201 9.40 -25.21 17.14
N ASN A 202 9.42 -25.52 18.44
CA ASN A 202 9.29 -26.91 18.97
C ASN A 202 7.82 -27.32 18.85
N ARG A 203 7.51 -28.28 17.97
CA ARG A 203 6.11 -28.70 17.68
C ARG A 203 5.70 -29.87 18.58
N ASN A 204 6.60 -30.43 19.39
CA ASN A 204 6.22 -31.38 20.47
C ASN A 204 5.59 -30.62 21.64
N ASN A 205 5.75 -29.29 21.68
CA ASN A 205 5.10 -28.41 22.68
C ASN A 205 3.60 -28.23 22.37
N VAL A 206 3.16 -28.48 21.14
CA VAL A 206 1.78 -28.11 20.70
C VAL A 206 0.99 -29.37 20.30
N ILE A 207 -0.34 -29.24 20.35
CA ILE A 207 -1.27 -30.17 19.65
C ILE A 207 -2.02 -29.34 18.59
N GLY A 208 -1.73 -29.63 17.32
CA GLY A 208 -2.44 -29.03 16.17
C GLY A 208 -3.84 -29.60 16.04
N LEU A 209 -4.74 -28.82 15.47
CA LEU A 209 -6.18 -29.20 15.36
C LEU A 209 -6.36 -30.40 14.40
N LEU A 210 -5.41 -30.67 13.52
CA LEU A 210 -5.53 -31.78 12.52
C LEU A 210 -4.74 -33.02 12.95
N GLU A 211 -4.23 -33.08 14.17
CA GLU A 211 -3.44 -34.25 14.63
C GLU A 211 -4.37 -35.44 14.90
N ASP A 212 -3.93 -36.64 14.48
CA ASP A 212 -4.69 -37.90 14.66
C ASP A 212 -4.51 -38.42 16.09
N PRO A 213 -5.39 -39.32 16.57
CA PRO A 213 -5.29 -39.85 17.93
C PRO A 213 -3.93 -40.41 18.37
N LYS A 214 -3.21 -41.08 17.45
CA LYS A 214 -1.86 -41.64 17.75
C LYS A 214 -0.86 -40.51 18.04
N SER A 215 -0.93 -39.41 17.28
CA SER A 215 -0.04 -38.25 17.45
C SER A 215 -0.30 -37.61 18.82
N VAL A 216 -1.56 -37.50 19.23
CA VAL A 216 -1.96 -36.84 20.51
C VAL A 216 -1.48 -37.69 21.70
N VAL A 217 -1.73 -39.00 21.65
CA VAL A 217 -1.24 -39.96 22.68
C VAL A 217 0.26 -39.74 22.87
N LYS A 218 1.01 -39.73 21.76
CA LYS A 218 2.50 -39.63 21.77
C LYS A 218 2.93 -38.33 22.45
N LYS A 219 2.31 -37.20 22.08
CA LYS A 219 2.71 -35.87 22.61
C LYS A 219 2.27 -35.73 24.07
N ILE A 220 1.08 -36.22 24.42
CA ILE A 220 0.57 -36.14 25.82
C ILE A 220 1.40 -37.06 26.73
N LYS A 221 1.86 -38.22 26.24
CA LYS A 221 2.68 -39.14 27.08
C LYS A 221 4.04 -38.51 27.39
N ARG A 222 4.55 -37.66 26.50
CA ARG A 222 5.85 -36.96 26.69
C ARG A 222 5.69 -35.69 27.55
N ALA A 223 4.47 -35.18 27.72
CA ALA A 223 4.20 -33.94 28.47
C ALA A 223 4.86 -34.03 29.85
N VAL A 224 5.61 -33.00 30.24
CA VAL A 224 6.41 -33.05 31.49
C VAL A 224 5.46 -32.94 32.68
N THR A 225 5.83 -33.59 33.77
CA THR A 225 5.01 -33.58 35.00
C THR A 225 5.94 -33.17 36.15
N ASP A 226 6.06 -33.99 37.18
CA ASP A 226 6.92 -33.68 38.34
C ASP A 226 7.33 -35.00 38.99
N SER A 227 8.21 -34.91 39.98
CA SER A 227 8.78 -36.09 40.69
C SER A 227 8.09 -36.28 42.05
N ASP A 228 6.87 -35.76 42.25
CA ASP A 228 6.15 -35.97 43.53
C ASP A 228 6.00 -37.47 43.78
N GLU A 229 6.23 -37.88 45.03
CA GLU A 229 6.09 -39.29 45.47
C GLU A 229 5.29 -39.33 46.76
N PRO A 230 4.10 -39.98 46.80
CA PRO A 230 3.44 -40.56 45.62
C PRO A 230 3.07 -39.52 44.57
N PRO A 231 2.88 -39.90 43.28
CA PRO A 231 2.34 -38.97 42.31
C PRO A 231 0.96 -38.53 42.80
N VAL A 232 0.66 -37.25 42.65
CA VAL A 232 -0.64 -36.69 43.10
C VAL A 232 -1.15 -35.71 42.04
N VAL A 233 -2.35 -35.96 41.56
CA VAL A 233 -3.04 -35.10 40.56
C VAL A 233 -3.71 -33.95 41.32
N ARG A 234 -2.95 -32.88 41.55
CA ARG A 234 -3.41 -31.69 42.29
C ARG A 234 -2.97 -30.44 41.53
N TYR A 235 -3.84 -29.43 41.50
CA TYR A 235 -3.60 -28.16 40.77
C TYR A 235 -2.69 -27.26 41.60
N ASP A 236 -1.57 -26.87 41.00
CA ASP A 236 -0.51 -26.08 41.68
C ASP A 236 0.46 -25.60 40.61
N VAL A 237 0.25 -24.39 40.11
CA VAL A 237 0.99 -23.86 38.92
C VAL A 237 2.47 -23.65 39.30
N GLN A 238 2.73 -23.22 40.53
CA GLN A 238 4.12 -22.94 41.00
C GLN A 238 4.93 -24.25 41.06
N ASN A 239 4.42 -25.25 41.77
CA ASN A 239 5.18 -26.49 42.12
C ASN A 239 4.90 -27.63 41.12
N LYS A 240 3.74 -27.62 40.46
CA LYS A 240 3.30 -28.74 39.58
C LYS A 240 2.74 -28.18 38.28
N ALA A 241 3.57 -27.39 37.57
CA ALA A 241 3.18 -26.70 36.32
C ALA A 241 2.68 -27.71 35.27
N GLY A 242 3.37 -28.83 35.11
CA GLY A 242 3.04 -29.87 34.12
C GLY A 242 1.68 -30.52 34.37
N VAL A 243 1.46 -31.01 35.59
CA VAL A 243 0.19 -31.69 35.97
C VAL A 243 -0.94 -30.67 35.90
N SER A 244 -0.66 -29.42 36.30
CA SER A 244 -1.66 -28.33 36.31
C SER A 244 -2.12 -28.05 34.88
N ASN A 245 -1.18 -28.00 33.95
CA ASN A 245 -1.47 -27.78 32.51
C ASN A 245 -2.38 -28.90 32.00
N LEU A 246 -2.05 -30.16 32.31
CA LEU A 246 -2.87 -31.31 31.87
C LEU A 246 -4.29 -31.20 32.46
N LEU A 247 -4.41 -30.74 33.71
CA LEU A 247 -5.73 -30.55 34.34
C LEU A 247 -6.50 -29.42 33.64
N ASP A 248 -5.82 -28.31 33.33
CA ASP A 248 -6.46 -27.15 32.64
C ASP A 248 -6.93 -27.57 31.25
N ILE A 249 -6.13 -28.37 30.53
CA ILE A 249 -6.51 -28.87 29.17
C ILE A 249 -7.76 -29.75 29.31
N LEU A 250 -7.75 -30.69 30.26
CA LEU A 250 -8.89 -31.64 30.42
C LEU A 250 -10.14 -30.85 30.80
N SER A 251 -10.00 -29.89 31.71
CA SER A 251 -11.12 -29.02 32.15
C SER A 251 -11.71 -28.25 30.97
N ALA A 252 -10.85 -27.66 30.14
CA ALA A 252 -11.26 -26.86 28.95
C ALA A 252 -12.04 -27.73 27.96
N VAL A 253 -11.63 -28.99 27.79
CA VAL A 253 -12.32 -29.93 26.85
C VAL A 253 -13.68 -30.32 27.42
N THR A 254 -13.72 -30.81 28.67
CA THR A 254 -14.90 -31.51 29.23
C THR A 254 -15.88 -30.56 29.91
N GLY A 255 -15.40 -29.42 30.42
CA GLY A 255 -16.23 -28.50 31.22
C GLY A 255 -16.28 -28.89 32.69
N GLN A 256 -15.59 -29.98 33.07
CA GLN A 256 -15.48 -30.41 34.49
C GLN A 256 -14.55 -29.44 35.22
N SER A 257 -14.91 -29.07 36.45
CA SER A 257 -14.11 -28.14 37.29
C SER A 257 -12.80 -28.80 37.71
N ILE A 258 -11.81 -27.98 38.04
CA ILE A 258 -10.50 -28.43 38.58
C ILE A 258 -10.73 -29.22 39.87
N PRO A 259 -11.46 -28.71 40.89
CA PRO A 259 -11.79 -29.50 42.06
C PRO A 259 -12.46 -30.85 41.77
N GLU A 260 -13.37 -30.91 40.78
CA GLU A 260 -14.02 -32.19 40.38
C GLU A 260 -12.96 -33.15 39.83
N LEU A 261 -12.02 -32.65 39.02
CA LEU A 261 -10.98 -33.52 38.40
C LEU A 261 -9.99 -33.97 39.47
N GLU A 262 -9.60 -33.08 40.39
CA GLU A 262 -8.73 -33.43 41.54
C GLU A 262 -9.38 -34.57 42.32
N LYS A 263 -10.71 -34.52 42.50
CA LYS A 263 -11.48 -35.61 43.16
C LYS A 263 -11.46 -36.86 42.29
N GLN A 264 -11.68 -36.70 40.98
CA GLN A 264 -11.75 -37.84 40.01
C GLN A 264 -10.42 -38.63 39.95
N PHE A 265 -9.28 -37.96 40.16
CA PHE A 265 -7.94 -38.61 40.04
C PHE A 265 -7.31 -38.85 41.41
N GLU A 266 -8.11 -38.96 42.48
CA GLU A 266 -7.59 -39.33 43.83
C GLU A 266 -7.00 -40.74 43.76
N GLY A 267 -5.79 -40.92 44.28
CA GLY A 267 -5.10 -42.23 44.31
C GLY A 267 -4.64 -42.68 42.94
N LYS A 268 -4.70 -41.79 41.93
CA LYS A 268 -4.37 -42.14 40.54
C LYS A 268 -3.04 -41.52 40.15
N MET A 269 -2.39 -42.12 39.15
CA MET A 269 -1.04 -41.73 38.68
C MET A 269 -1.16 -40.87 37.43
N TYR A 270 -0.06 -40.27 37.01
CA TYR A 270 -0.02 -39.30 35.88
C TYR A 270 -0.32 -40.02 34.54
N GLY A 271 -0.03 -41.31 34.44
CA GLY A 271 -0.42 -42.14 33.28
C GLY A 271 -1.92 -42.15 33.05
N HIS A 272 -2.71 -42.22 34.14
CA HIS A 272 -4.20 -42.19 34.09
C HIS A 272 -4.66 -40.82 33.59
N LEU A 273 -4.11 -39.75 34.16
CA LEU A 273 -4.41 -38.36 33.77
C LEU A 273 -4.11 -38.20 32.27
N LYS A 274 -2.89 -38.56 31.86
CA LYS A 274 -2.43 -38.42 30.46
C LYS A 274 -3.34 -39.18 29.51
N GLY A 275 -3.71 -40.42 29.87
CA GLY A 275 -4.61 -41.26 29.06
C GLY A 275 -5.93 -40.55 28.82
N GLU A 276 -6.50 -39.96 29.87
CA GLU A 276 -7.81 -39.27 29.81
C GLU A 276 -7.69 -37.94 29.06
N VAL A 277 -6.57 -37.24 29.18
CA VAL A 277 -6.33 -35.96 28.44
C VAL A 277 -6.29 -36.28 26.94
N ALA A 278 -5.56 -37.31 26.54
CA ALA A 278 -5.41 -37.69 25.11
C ALA A 278 -6.76 -38.06 24.52
N ASP A 279 -7.55 -38.86 25.25
CA ASP A 279 -8.89 -39.32 24.82
C ASP A 279 -9.85 -38.14 24.68
N ALA A 280 -9.86 -37.23 25.68
CA ALA A 280 -10.71 -36.02 25.69
C ALA A 280 -10.37 -35.13 24.49
N VAL A 281 -9.09 -34.81 24.33
CA VAL A 281 -8.58 -33.92 23.23
C VAL A 281 -8.95 -34.53 21.88
N SER A 282 -8.63 -35.80 21.64
CA SER A 282 -8.90 -36.47 20.33
C SER A 282 -10.41 -36.57 20.08
N GLY A 283 -11.21 -36.76 21.13
CA GLY A 283 -12.68 -36.74 21.04
C GLY A 283 -13.19 -35.39 20.55
N MET A 284 -12.60 -34.29 21.05
CA MET A 284 -12.94 -32.92 20.63
C MET A 284 -12.49 -32.68 19.18
N LEU A 285 -11.31 -33.16 18.81
CA LEU A 285 -10.75 -32.93 17.44
C LEU A 285 -11.44 -33.80 16.38
N THR A 286 -12.29 -34.77 16.76
CA THR A 286 -12.98 -35.67 15.79
C THR A 286 -14.02 -34.90 14.97
N GLU A 287 -14.99 -34.25 15.61
CA GLU A 287 -16.04 -33.48 14.90
C GLU A 287 -15.38 -32.34 14.12
N LEU A 288 -14.34 -31.73 14.72
CA LEU A 288 -13.61 -30.59 14.11
C LEU A 288 -12.95 -31.06 12.80
N GLN A 289 -12.22 -32.18 12.85
CA GLN A 289 -11.46 -32.71 11.68
C GLN A 289 -12.43 -33.23 10.62
N GLU A 290 -13.54 -33.87 11.03
CA GLU A 290 -14.59 -34.34 10.09
C GLU A 290 -15.14 -33.16 9.30
N ARG A 291 -15.48 -32.06 10.00
CA ARG A 291 -15.98 -30.82 9.36
C ARG A 291 -14.90 -30.24 8.44
N TYR A 292 -13.65 -30.19 8.92
CA TYR A 292 -12.54 -29.59 8.14
C TYR A 292 -12.37 -30.30 6.80
N HIS A 293 -12.24 -31.62 6.81
CA HIS A 293 -11.91 -32.39 5.57
C HIS A 293 -13.10 -32.33 4.61
N ARG A 294 -14.32 -32.23 5.14
CA ARG A 294 -15.55 -32.06 4.33
C ARG A 294 -15.53 -30.69 3.64
N PHE A 295 -15.32 -29.62 4.41
CA PHE A 295 -15.31 -28.23 3.89
C PHE A 295 -14.12 -28.01 2.96
N ARG A 296 -12.94 -28.47 3.35
CA ARG A 296 -11.68 -28.20 2.62
C ARG A 296 -11.73 -28.81 1.21
N ASN A 297 -12.48 -29.89 1.02
CA ASN A 297 -12.52 -30.64 -0.26
C ASN A 297 -13.82 -30.37 -1.03
N ASP A 298 -14.58 -29.37 -0.60
CA ASP A 298 -15.79 -28.89 -1.31
C ASP A 298 -15.45 -27.55 -1.97
N GLU A 299 -14.85 -27.59 -3.15
CA GLU A 299 -14.32 -26.38 -3.85
C GLU A 299 -15.45 -25.35 -4.06
N ALA A 300 -16.65 -25.79 -4.43
CA ALA A 300 -17.80 -24.91 -4.73
C ALA A 300 -18.28 -24.19 -3.47
N PHE A 301 -18.26 -24.88 -2.33
CA PHE A 301 -18.67 -24.30 -1.03
C PHE A 301 -17.67 -23.21 -0.62
N LEU A 302 -16.36 -23.47 -0.72
CA LEU A 302 -15.32 -22.48 -0.35
C LEU A 302 -15.38 -21.28 -1.30
N GLN A 303 -15.56 -21.53 -2.60
CA GLN A 303 -15.72 -20.47 -3.62
C GLN A 303 -16.93 -19.59 -3.28
N GLN A 304 -18.04 -20.19 -2.90
CA GLN A 304 -19.28 -19.42 -2.56
C GLN A 304 -19.06 -18.60 -1.29
N VAL A 305 -18.42 -19.17 -0.27
CA VAL A 305 -18.14 -18.45 1.01
C VAL A 305 -17.26 -17.23 0.70
N MET A 306 -16.18 -17.43 -0.07
CA MET A 306 -15.23 -16.33 -0.40
C MET A 306 -15.95 -15.24 -1.20
N LYS A 307 -16.80 -15.64 -2.15
CA LYS A 307 -17.52 -14.69 -3.03
C LYS A 307 -18.52 -13.85 -2.22
N ASP A 308 -19.33 -14.52 -1.39
CA ASP A 308 -20.37 -13.85 -0.55
C ASP A 308 -19.68 -12.95 0.48
N GLY A 309 -18.58 -13.43 1.08
CA GLY A 309 -17.83 -12.70 2.11
C GLY A 309 -17.20 -11.45 1.55
N ALA A 310 -16.54 -11.56 0.39
CA ALA A 310 -15.93 -10.41 -0.32
C ALA A 310 -17.00 -9.38 -0.69
N GLU A 311 -18.17 -9.85 -1.13
CA GLU A 311 -19.30 -8.96 -1.54
C GLU A 311 -19.79 -8.16 -0.32
N LYS A 312 -19.98 -8.82 0.83
CA LYS A 312 -20.44 -8.15 2.07
C LYS A 312 -19.38 -7.16 2.55
N ALA A 313 -18.11 -7.59 2.59
CA ALA A 313 -16.99 -6.73 3.01
C ALA A 313 -16.89 -5.51 2.10
N SER A 314 -16.91 -5.71 0.78
CA SER A 314 -16.75 -4.65 -0.24
C SER A 314 -17.85 -3.58 -0.08
N ALA A 315 -19.08 -3.99 0.18
CA ALA A 315 -20.23 -3.08 0.36
C ALA A 315 -19.94 -2.11 1.53
N HIS A 316 -19.42 -2.64 2.64
CA HIS A 316 -19.06 -1.83 3.84
C HIS A 316 -17.80 -1.00 3.55
N ALA A 317 -16.75 -1.65 3.05
CA ALA A 317 -15.44 -1.02 2.81
C ALA A 317 -15.58 0.14 1.82
N SER A 318 -16.34 -0.05 0.73
CA SER A 318 -16.54 0.99 -0.30
C SER A 318 -17.17 2.26 0.29
N ARG A 319 -18.09 2.12 1.24
CA ARG A 319 -18.75 3.28 1.87
C ARG A 319 -17.73 4.09 2.67
N THR A 320 -16.90 3.43 3.47
CA THR A 320 -15.82 4.11 4.24
C THR A 320 -14.84 4.77 3.27
N LEU A 321 -14.36 4.04 2.27
CA LEU A 321 -13.35 4.59 1.33
C LEU A 321 -13.93 5.81 0.59
N LYS A 322 -15.20 5.75 0.19
CA LYS A 322 -15.82 6.91 -0.51
C LYS A 322 -15.77 8.15 0.38
N ALA A 323 -16.08 8.01 1.67
CA ALA A 323 -16.05 9.13 2.64
C ALA A 323 -14.62 9.61 2.85
N VAL A 324 -13.65 8.70 2.89
CA VAL A 324 -12.21 9.07 3.02
C VAL A 324 -11.78 9.87 1.78
N TYR A 325 -12.07 9.35 0.60
CA TYR A 325 -11.69 9.98 -0.70
C TYR A 325 -12.34 11.37 -0.83
N GLU A 326 -13.61 11.47 -0.44
CA GLU A 326 -14.36 12.77 -0.45
C GLU A 326 -13.66 13.75 0.51
N ALA A 327 -13.30 13.29 1.71
CA ALA A 327 -12.63 14.13 2.74
C ALA A 327 -11.27 14.62 2.22
N ILE A 328 -10.48 13.73 1.61
CA ILE A 328 -9.14 14.09 1.05
C ILE A 328 -9.32 15.09 -0.08
N GLY A 329 -10.38 14.93 -0.87
CA GLY A 329 -10.71 15.85 -1.99
C GLY A 329 -10.46 15.23 -3.35
N PHE A 330 -10.22 13.93 -3.46
CA PHE A 330 -10.04 13.26 -4.77
C PHE A 330 -11.30 13.45 -5.60
N VAL A 331 -11.11 13.69 -6.89
CA VAL A 331 -12.20 13.70 -7.87
C VAL A 331 -12.84 12.30 -7.86
N ALA A 332 -14.15 12.23 -7.69
CA ALA A 332 -14.88 10.94 -7.59
C ALA A 332 -14.75 10.18 -8.91
N LYS A 333 -14.55 8.86 -8.84
CA LYS A 333 -14.45 8.04 -10.07
C LYS A 333 -15.75 8.16 -10.85
N ARG A 334 -15.63 8.11 -12.18
CA ARG A 334 -16.78 8.13 -13.11
C ARG A 334 -17.08 6.67 -13.49
N HIS A 335 -18.21 6.16 -13.03
CA HIS A 335 -18.57 4.73 -13.18
C HIS A 335 -19.05 4.48 -14.61
N HIS A 336 -18.56 3.41 -15.23
CA HIS A 336 -19.01 2.93 -16.57
C HIS A 336 -19.97 1.74 -16.38
N THR B 2 0.89 -5.05 -31.82
CA THR B 2 0.54 -3.92 -30.92
C THR B 2 1.76 -3.02 -30.71
N LYS B 3 1.52 -1.73 -30.48
CA LYS B 3 2.61 -0.73 -30.31
C LYS B 3 3.23 -0.87 -28.93
N PRO B 4 4.53 -0.53 -28.79
CA PRO B 4 5.12 -0.37 -27.46
C PRO B 4 4.35 0.67 -26.62
N ILE B 5 4.41 0.51 -25.32
CA ILE B 5 3.55 1.30 -24.39
C ILE B 5 4.39 2.40 -23.72
N VAL B 6 3.82 3.60 -23.70
CA VAL B 6 4.36 4.78 -22.98
C VAL B 6 3.46 5.03 -21.78
N PHE B 7 4.06 5.26 -20.61
CA PHE B 7 3.35 5.68 -19.39
C PHE B 7 4.10 6.82 -18.71
N SER B 8 3.36 7.83 -18.29
CA SER B 8 3.93 8.88 -17.43
C SER B 8 2.82 9.57 -16.65
N GLY B 9 3.21 10.30 -15.61
CA GLY B 9 2.25 10.98 -14.74
C GLY B 9 2.78 12.30 -14.21
N ALA B 10 1.86 13.14 -13.75
CA ALA B 10 2.19 14.41 -13.09
C ALA B 10 1.21 14.64 -11.95
N GLN B 11 1.68 15.30 -10.91
CA GLN B 11 0.92 15.50 -9.64
C GLN B 11 -0.04 16.68 -9.78
N PRO B 12 -1.31 16.52 -9.33
CA PRO B 12 -2.24 17.65 -9.18
C PRO B 12 -2.00 18.41 -7.87
N SER B 13 -0.84 19.03 -7.79
CA SER B 13 -0.40 19.84 -6.62
C SER B 13 0.61 20.85 -7.14
N GLY B 14 0.78 21.95 -6.42
CA GLY B 14 1.55 23.08 -6.95
C GLY B 14 0.94 23.58 -8.25
N GLU B 15 1.76 24.17 -9.11
CA GLU B 15 1.32 24.74 -10.41
C GLU B 15 2.35 24.39 -11.47
N LEU B 16 1.98 23.53 -12.43
CA LEU B 16 2.96 22.96 -13.39
C LEU B 16 3.66 24.09 -14.13
N THR B 17 4.97 23.93 -14.33
CA THR B 17 5.86 24.97 -14.88
C THR B 17 6.36 24.60 -16.27
N ILE B 18 7.11 25.51 -16.88
CA ILE B 18 7.76 25.25 -18.19
C ILE B 18 8.82 24.14 -18.01
N GLY B 19 9.33 23.95 -16.80
CA GLY B 19 10.17 22.78 -16.45
C GLY B 19 9.40 21.47 -16.64
N ASN B 20 8.22 21.37 -16.03
CA ASN B 20 7.35 20.17 -16.15
C ASN B 20 7.01 19.94 -17.63
N TYR B 21 6.78 21.01 -18.39
CA TYR B 21 6.44 20.92 -19.83
C TYR B 21 7.62 20.38 -20.64
N MET B 22 8.80 21.00 -20.53
CA MET B 22 9.95 20.63 -21.39
C MET B 22 10.55 19.28 -20.94
N GLY B 23 10.50 18.98 -19.64
CA GLY B 23 11.03 17.72 -19.10
C GLY B 23 10.13 16.52 -19.40
N ALA B 24 8.82 16.74 -19.55
CA ALA B 24 7.83 15.64 -19.62
C ALA B 24 6.76 15.90 -20.67
N LEU B 25 5.89 16.89 -20.45
CA LEU B 25 4.61 17.03 -21.20
C LEU B 25 4.89 17.18 -22.71
N ARG B 26 5.92 17.93 -23.10
CA ARG B 26 6.30 18.09 -24.52
C ARG B 26 6.53 16.71 -25.15
N GLN B 27 7.25 15.83 -24.46
CA GLN B 27 7.55 14.48 -24.99
C GLN B 27 6.25 13.68 -25.06
N TRP B 28 5.40 13.81 -24.04
CA TRP B 28 4.11 13.08 -24.00
C TRP B 28 3.32 13.35 -25.28
N VAL B 29 3.26 14.61 -25.67
CA VAL B 29 2.43 15.07 -26.83
C VAL B 29 3.05 14.50 -28.11
N ASN B 30 4.38 14.52 -28.21
CA ASN B 30 5.10 14.11 -29.44
C ASN B 30 5.10 12.58 -29.64
N MET B 31 4.83 11.80 -28.60
CA MET B 31 4.95 10.31 -28.66
C MET B 31 3.61 9.65 -29.03
N GLN B 32 2.52 10.40 -29.19
CA GLN B 32 1.14 9.83 -29.19
C GLN B 32 0.81 8.96 -30.41
N ASP B 33 1.37 9.21 -31.58
CA ASP B 33 1.13 8.33 -32.77
C ASP B 33 2.13 7.17 -32.77
N ASP B 34 3.38 7.47 -32.40
CA ASP B 34 4.52 6.51 -32.50
C ASP B 34 4.37 5.36 -31.51
N TYR B 35 3.75 5.62 -30.36
CA TYR B 35 3.59 4.60 -29.30
C TYR B 35 2.16 4.64 -28.77
N HIS B 36 1.79 3.62 -28.02
CA HIS B 36 0.50 3.56 -27.29
C HIS B 36 0.69 4.26 -25.95
N CYS B 37 0.17 5.48 -25.84
CA CYS B 37 0.51 6.37 -24.71
C CYS B 37 -0.60 6.38 -23.66
N ILE B 38 -0.17 6.28 -22.42
CA ILE B 38 -1.06 6.33 -21.23
C ILE B 38 -0.53 7.41 -20.29
N TYR B 39 -1.35 8.40 -19.97
CA TYR B 39 -0.94 9.54 -19.09
C TYR B 39 -1.89 9.63 -17.91
N CYS B 40 -1.31 9.89 -16.75
CA CYS B 40 -1.99 9.73 -15.46
C CYS B 40 -1.86 11.02 -14.66
N ILE B 41 -2.94 11.43 -14.02
CA ILE B 41 -2.90 12.52 -13.00
C ILE B 41 -2.76 11.85 -11.65
N VAL B 42 -1.59 11.95 -11.03
CA VAL B 42 -1.24 11.07 -9.89
C VAL B 42 -1.64 11.76 -8.58
N ASP B 43 -2.95 11.77 -8.31
CA ASP B 43 -3.52 12.39 -7.09
C ASP B 43 -3.10 11.62 -5.83
N GLN B 44 -2.92 10.30 -5.91
CA GLN B 44 -2.44 9.51 -4.74
C GLN B 44 -0.99 9.90 -4.40
N HIS B 45 -0.16 10.25 -5.36
CA HIS B 45 1.21 10.77 -5.09
C HIS B 45 1.15 12.19 -4.54
N ALA B 46 0.24 13.03 -5.05
CA ALA B 46 0.17 14.46 -4.68
C ALA B 46 0.00 14.60 -3.16
N ILE B 47 -0.75 13.69 -2.53
CA ILE B 47 -1.14 13.85 -1.10
C ILE B 47 -0.02 13.40 -0.14
N THR B 48 1.15 13.00 -0.65
CA THR B 48 2.37 12.79 0.16
C THR B 48 2.89 14.14 0.71
N VAL B 49 2.47 15.24 0.10
CA VAL B 49 2.57 16.61 0.67
C VAL B 49 1.15 17.03 1.00
N ARG B 50 0.91 17.51 2.22
CA ARG B 50 -0.46 17.79 2.71
C ARG B 50 -1.15 18.80 1.80
N GLN B 51 -2.31 18.41 1.28
CA GLN B 51 -3.11 19.26 0.38
C GLN B 51 -4.39 19.70 1.09
N ASP B 52 -4.82 20.92 0.81
CA ASP B 52 -6.21 21.37 1.05
C ASP B 52 -7.13 20.59 0.12
N ALA B 53 -8.24 20.08 0.64
CA ALA B 53 -9.19 19.21 -0.12
C ALA B 53 -9.76 19.95 -1.35
N GLN B 54 -10.16 21.21 -1.20
CA GLN B 54 -10.73 21.99 -2.33
C GLN B 54 -9.65 22.22 -3.39
N LYS B 55 -8.44 22.61 -2.97
CA LYS B 55 -7.32 22.86 -3.91
C LYS B 55 -6.93 21.57 -4.65
N LEU B 56 -6.95 20.41 -3.98
CA LEU B 56 -6.59 19.11 -4.62
C LEU B 56 -7.59 18.76 -5.72
N ARG B 57 -8.89 18.90 -5.42
CA ARG B 57 -9.95 18.57 -6.42
C ARG B 57 -9.80 19.51 -7.61
N LYS B 58 -9.68 20.81 -7.35
CA LYS B 58 -9.52 21.82 -8.43
C LYS B 58 -8.24 21.54 -9.22
N ALA B 59 -7.13 21.21 -8.55
CA ALA B 59 -5.83 20.97 -9.22
C ALA B 59 -5.88 19.73 -10.12
N THR B 60 -6.64 18.71 -9.74
CA THR B 60 -6.79 17.48 -10.54
C THR B 60 -7.42 17.87 -11.88
N LEU B 61 -8.49 18.64 -11.82
CA LEU B 61 -9.21 19.10 -13.04
C LEU B 61 -8.38 20.14 -13.80
N ASP B 62 -7.64 21.00 -13.11
CA ASP B 62 -6.68 21.93 -13.76
C ASP B 62 -5.65 21.14 -14.57
N THR B 63 -5.06 20.12 -13.96
CA THR B 63 -4.00 19.29 -14.57
C THR B 63 -4.56 18.57 -15.81
N LEU B 64 -5.75 17.98 -15.71
CA LEU B 64 -6.41 17.31 -16.85
C LEU B 64 -6.57 18.30 -18.03
N ALA B 65 -7.15 19.48 -17.78
CA ALA B 65 -7.34 20.53 -18.81
C ALA B 65 -5.99 20.96 -19.39
N LEU B 66 -4.95 21.03 -18.55
CA LEU B 66 -3.59 21.42 -19.02
C LEU B 66 -3.01 20.33 -19.94
N TYR B 67 -3.18 19.04 -19.62
CA TYR B 67 -2.78 17.94 -20.53
C TYR B 67 -3.45 18.14 -21.89
N LEU B 68 -4.76 18.40 -21.89
CA LEU B 68 -5.56 18.58 -23.14
C LEU B 68 -5.06 19.81 -23.91
N ALA B 69 -4.84 20.92 -23.20
CA ALA B 69 -4.31 22.18 -23.77
C ALA B 69 -2.94 21.95 -24.42
N CYS B 70 -2.09 21.12 -23.80
CA CYS B 70 -0.74 20.82 -24.36
C CYS B 70 -0.83 20.04 -25.67
N GLY B 71 -1.97 19.36 -25.92
CA GLY B 71 -2.15 18.56 -27.15
C GLY B 71 -2.29 17.08 -26.88
N ILE B 72 -2.41 16.66 -25.62
CA ILE B 72 -2.73 15.26 -25.28
C ILE B 72 -4.17 15.03 -25.73
N ASP B 73 -4.34 14.06 -26.62
CA ASP B 73 -5.57 13.85 -27.41
C ASP B 73 -6.22 12.59 -26.86
N PRO B 74 -7.43 12.68 -26.27
CA PRO B 74 -8.07 11.51 -25.68
C PRO B 74 -8.52 10.46 -26.71
N GLU B 75 -8.55 10.81 -27.99
CA GLU B 75 -8.82 9.86 -29.11
C GLU B 75 -7.55 9.04 -29.42
N LYS B 76 -6.37 9.54 -29.03
CA LYS B 76 -5.07 8.84 -29.29
C LYS B 76 -4.49 8.23 -28.01
N SER B 77 -4.62 8.93 -26.89
CA SER B 77 -3.97 8.57 -25.60
C SER B 77 -5.03 8.22 -24.55
N THR B 78 -4.66 7.38 -23.62
CA THR B 78 -5.45 7.12 -22.39
C THR B 78 -5.07 8.19 -21.37
N ILE B 79 -6.05 8.92 -20.86
CA ILE B 79 -5.83 9.97 -19.84
C ILE B 79 -6.73 9.63 -18.65
N PHE B 80 -6.14 9.42 -17.48
CA PHE B 80 -6.95 9.04 -16.29
C PHE B 80 -6.35 9.57 -15.00
N VAL B 81 -7.20 9.52 -13.97
CA VAL B 81 -6.85 9.93 -12.59
C VAL B 81 -6.47 8.66 -11.83
N GLN B 82 -5.27 8.68 -11.24
CA GLN B 82 -4.66 7.52 -10.53
C GLN B 82 -5.64 6.87 -9.55
N SER B 83 -6.30 7.67 -8.71
CA SER B 83 -7.18 7.14 -7.63
C SER B 83 -8.41 6.41 -8.21
N HIS B 84 -8.74 6.62 -9.49
CA HIS B 84 -9.90 5.96 -10.15
C HIS B 84 -9.60 4.49 -10.51
N VAL B 85 -8.35 4.06 -10.42
CA VAL B 85 -7.93 2.68 -10.78
C VAL B 85 -7.32 2.02 -9.56
N PRO B 86 -8.14 1.24 -8.79
CA PRO B 86 -7.69 0.59 -7.55
C PRO B 86 -6.41 -0.25 -7.68
N GLU B 87 -6.18 -0.81 -8.87
CA GLU B 87 -5.01 -1.68 -9.14
C GLU B 87 -3.68 -0.98 -8.80
N HIS B 88 -3.59 0.34 -8.89
CA HIS B 88 -2.33 1.07 -8.56
C HIS B 88 -1.95 0.81 -7.09
N ALA B 89 -2.86 1.07 -6.16
CA ALA B 89 -2.62 0.81 -4.72
C ALA B 89 -2.48 -0.70 -4.47
N GLN B 90 -3.26 -1.54 -5.14
CA GLN B 90 -3.17 -3.00 -4.95
C GLN B 90 -1.75 -3.45 -5.34
N LEU B 91 -1.28 -3.03 -6.51
CA LEU B 91 0.06 -3.51 -6.96
C LEU B 91 1.15 -2.84 -6.11
N GLY B 92 0.95 -1.58 -5.71
CA GLY B 92 1.90 -0.86 -4.84
C GLY B 92 2.17 -1.65 -3.57
N TRP B 93 1.12 -2.12 -2.90
CA TRP B 93 1.32 -2.93 -1.67
C TRP B 93 2.17 -4.17 -1.98
N ALA B 94 1.79 -4.95 -2.99
CA ALA B 94 2.51 -6.18 -3.38
C ALA B 94 3.99 -5.86 -3.63
N LEU B 95 4.28 -4.78 -4.36
CA LEU B 95 5.68 -4.42 -4.71
C LEU B 95 6.45 -3.88 -3.50
N ASN B 96 5.79 -3.41 -2.44
CA ASN B 96 6.47 -3.09 -1.16
C ASN B 96 7.28 -4.31 -0.70
N CYS B 97 6.77 -5.51 -0.92
CA CYS B 97 7.36 -6.78 -0.42
C CYS B 97 8.59 -7.19 -1.25
N TYR B 98 8.83 -6.54 -2.38
CA TYR B 98 10.00 -6.83 -3.26
C TYR B 98 10.88 -5.58 -3.38
N THR B 99 10.70 -4.63 -2.47
CA THR B 99 11.49 -3.38 -2.41
C THR B 99 12.16 -3.31 -1.06
N TYR B 100 13.45 -2.96 -1.04
CA TYR B 100 14.22 -2.89 0.23
C TYR B 100 14.05 -1.51 0.87
N PHE B 101 14.04 -1.49 2.19
CA PHE B 101 14.00 -0.26 3.01
C PHE B 101 15.15 0.67 2.61
N GLY B 102 16.35 0.11 2.46
CA GLY B 102 17.58 0.86 2.11
C GLY B 102 17.45 1.59 0.78
N GLU B 103 16.89 0.93 -0.24
CA GLU B 103 16.63 1.55 -1.57
C GLU B 103 15.80 2.82 -1.40
N LEU B 104 14.80 2.79 -0.50
CA LEU B 104 13.84 3.93 -0.33
C LEU B 104 14.47 5.05 0.50
N SER B 105 15.20 4.73 1.56
CA SER B 105 15.78 5.74 2.50
C SER B 105 16.81 6.63 1.78
N ARG B 106 17.51 6.10 0.77
CA ARG B 106 18.60 6.82 0.05
C ARG B 106 18.06 7.67 -1.10
N MET B 107 16.74 7.66 -1.34
CA MET B 107 16.14 8.44 -2.45
C MET B 107 16.29 9.96 -2.21
N THR B 108 16.76 10.68 -3.23
CA THR B 108 16.99 12.14 -3.16
C THR B 108 15.66 12.89 -2.93
N GLN B 109 14.58 12.48 -3.59
CA GLN B 109 13.27 13.16 -3.42
C GLN B 109 12.83 13.04 -1.96
N PHE B 110 12.92 11.85 -1.38
CA PHE B 110 12.50 11.64 0.03
C PHE B 110 13.29 12.60 0.94
N LYS B 111 14.61 12.67 0.74
CA LYS B 111 15.50 13.53 1.55
C LYS B 111 15.11 15.00 1.36
N ASP B 112 14.95 15.45 0.12
CA ASP B 112 14.67 16.87 -0.20
C ASP B 112 13.29 17.28 0.34
N LYS B 113 12.27 16.45 0.10
CA LYS B 113 10.89 16.77 0.56
C LYS B 113 10.84 16.74 2.09
N SER B 114 11.56 15.81 2.71
CA SER B 114 11.62 15.67 4.19
C SER B 114 12.19 16.93 4.83
N ALA B 115 13.29 17.47 4.27
CA ALA B 115 13.94 18.70 4.76
C ALA B 115 12.98 19.89 4.63
N ARG B 116 12.16 19.89 3.58
CA ARG B 116 11.20 20.99 3.31
C ARG B 116 9.97 20.89 4.22
N TYR B 117 9.46 19.68 4.44
CA TYR B 117 8.23 19.45 5.24
C TYR B 117 8.57 18.64 6.49
N ALA B 118 9.35 19.23 7.39
CA ALA B 118 9.86 18.55 8.61
C ALA B 118 8.70 18.10 9.50
N GLU B 119 7.56 18.81 9.48
CA GLU B 119 6.39 18.54 10.35
C GLU B 119 5.47 17.49 9.71
N ASN B 120 5.77 17.01 8.50
CA ASN B 120 4.96 15.95 7.84
C ASN B 120 5.86 15.02 7.03
N ILE B 121 6.83 14.41 7.70
CA ILE B 121 7.65 13.31 7.11
C ILE B 121 6.81 12.04 7.26
N ASN B 122 5.97 11.76 6.27
CA ASN B 122 4.97 10.67 6.36
C ASN B 122 5.43 9.45 5.57
N ALA B 123 4.76 8.33 5.81
CA ALA B 123 5.10 7.01 5.22
C ALA B 123 4.84 7.04 3.70
N GLY B 124 3.85 7.80 3.25
CA GLY B 124 3.57 7.96 1.80
C GLY B 124 4.76 8.59 1.09
N LEU B 125 5.34 9.63 1.68
CA LEU B 125 6.51 10.35 1.11
C LEU B 125 7.69 9.38 1.01
N PHE B 126 7.85 8.52 2.02
CA PHE B 126 8.91 7.47 2.04
C PHE B 126 8.62 6.41 0.97
N ASP B 127 7.37 5.99 0.88
CA ASP B 127 6.93 4.84 0.03
C ASP B 127 6.61 5.30 -1.40
N TYR B 128 6.72 6.61 -1.66
CA TYR B 128 6.50 7.24 -2.99
C TYR B 128 7.01 6.36 -4.14
N PRO B 129 8.28 5.90 -4.14
CA PRO B 129 8.82 5.22 -5.33
C PRO B 129 8.13 3.89 -5.65
N VAL B 130 7.58 3.22 -4.63
CA VAL B 130 6.95 1.87 -4.83
C VAL B 130 5.63 2.05 -5.56
N LEU B 131 4.79 3.01 -5.15
CA LEU B 131 3.52 3.29 -5.87
C LEU B 131 3.83 3.74 -7.31
N MET B 132 4.90 4.52 -7.49
CA MET B 132 5.34 4.96 -8.84
C MET B 132 5.77 3.74 -9.68
N ALA B 133 6.49 2.79 -9.10
CA ALA B 133 6.83 1.52 -9.79
C ALA B 133 5.55 0.78 -10.18
N ALA B 134 4.55 0.74 -9.31
CA ALA B 134 3.27 0.07 -9.60
C ALA B 134 2.56 0.78 -10.76
N ASP B 135 2.55 2.12 -10.75
CA ASP B 135 1.93 2.94 -11.83
C ASP B 135 2.49 2.49 -13.18
N ILE B 136 3.80 2.35 -13.27
CA ILE B 136 4.51 2.02 -14.54
C ILE B 136 4.24 0.55 -14.89
N LEU B 137 4.50 -0.36 -13.95
CA LEU B 137 4.54 -1.81 -14.26
C LEU B 137 3.14 -2.37 -14.57
N LEU B 138 2.07 -1.74 -14.06
CA LEU B 138 0.68 -2.19 -14.38
C LEU B 138 0.43 -2.22 -15.90
N TYR B 139 1.03 -1.33 -16.69
CA TYR B 139 0.61 -1.14 -18.10
C TYR B 139 1.57 -1.83 -19.08
N GLN B 140 2.43 -2.72 -18.59
CA GLN B 140 3.42 -3.41 -19.47
C GLN B 140 4.24 -2.34 -20.18
N THR B 141 4.66 -1.32 -19.44
CA THR B 141 5.24 -0.08 -20.00
C THR B 141 6.64 -0.35 -20.54
N ASN B 142 6.91 0.13 -21.76
CA ASN B 142 8.24 0.07 -22.40
C ASN B 142 9.02 1.37 -22.19
N LEU B 143 8.37 2.53 -22.29
CA LEU B 143 9.04 3.85 -22.19
C LEU B 143 8.34 4.74 -21.16
N VAL B 144 9.13 5.48 -20.39
CA VAL B 144 8.60 6.40 -19.35
C VAL B 144 9.22 7.77 -19.55
N PRO B 145 8.52 8.70 -20.24
CA PRO B 145 9.03 10.05 -20.44
C PRO B 145 8.94 10.93 -19.19
N VAL B 146 10.09 11.24 -18.61
CA VAL B 146 10.20 12.04 -17.36
C VAL B 146 11.37 13.01 -17.50
N GLY B 147 11.45 13.95 -16.57
CA GLY B 147 12.63 14.82 -16.39
C GLY B 147 13.75 14.08 -15.66
N GLU B 148 14.93 14.70 -15.61
CA GLU B 148 16.14 14.11 -14.99
C GLU B 148 15.89 13.77 -13.51
N ASP B 149 15.10 14.58 -12.81
CA ASP B 149 14.87 14.44 -11.34
C ASP B 149 14.20 13.10 -10.99
N GLN B 150 13.48 12.47 -11.93
CA GLN B 150 12.80 11.18 -11.68
C GLN B 150 13.63 9.99 -12.15
N LYS B 151 14.88 10.20 -12.58
CA LYS B 151 15.73 9.09 -13.09
C LYS B 151 15.93 8.04 -11.99
N GLN B 152 16.21 8.46 -10.76
CA GLN B 152 16.47 7.54 -9.62
C GLN B 152 15.23 6.68 -9.35
N HIS B 153 14.03 7.28 -9.31
CA HIS B 153 12.76 6.52 -9.12
C HIS B 153 12.58 5.53 -10.26
N LEU B 154 12.84 5.95 -11.50
CA LEU B 154 12.63 5.09 -12.68
C LEU B 154 13.58 3.89 -12.60
N GLU B 155 14.81 4.12 -12.17
CA GLU B 155 15.83 3.03 -12.02
C GLU B 155 15.36 2.02 -10.97
N LEU B 156 14.74 2.47 -9.87
CA LEU B 156 14.19 1.51 -8.87
C LEU B 156 13.09 0.66 -9.53
N SER B 157 12.18 1.25 -10.31
CA SER B 157 11.08 0.50 -10.96
C SER B 157 11.65 -0.61 -11.86
N ARG B 158 12.79 -0.37 -12.50
CA ARG B 158 13.50 -1.39 -13.33
C ARG B 158 14.04 -2.50 -12.43
N ASP B 159 14.64 -2.12 -11.30
CA ASP B 159 15.20 -3.08 -10.31
C ASP B 159 14.07 -3.95 -9.77
N ILE B 160 12.92 -3.35 -9.43
CA ILE B 160 11.75 -4.10 -8.89
C ILE B 160 11.24 -5.07 -9.95
N ALA B 161 11.10 -4.62 -11.20
CA ALA B 161 10.56 -5.45 -12.31
C ALA B 161 11.46 -6.68 -12.53
N GLN B 162 12.77 -6.46 -12.56
CA GLN B 162 13.77 -7.54 -12.80
C GLN B 162 13.74 -8.52 -11.62
N ARG B 163 13.68 -7.99 -10.41
CA ARG B 163 13.65 -8.80 -9.15
C ARG B 163 12.42 -9.71 -9.15
N PHE B 164 11.26 -9.15 -9.46
CA PHE B 164 9.97 -9.89 -9.50
C PHE B 164 9.99 -10.91 -10.64
N ASN B 165 10.46 -10.49 -11.82
CA ASN B 165 10.51 -11.38 -13.02
C ASN B 165 11.45 -12.57 -12.76
N ALA B 166 12.55 -12.35 -12.05
CA ALA B 166 13.54 -13.42 -11.77
C ALA B 166 12.90 -14.53 -10.94
N LEU B 167 11.94 -14.20 -10.08
CA LEU B 167 11.25 -15.20 -9.22
C LEU B 167 10.09 -15.87 -9.98
N TYR B 168 9.33 -15.09 -10.77
CA TYR B 168 7.97 -15.50 -11.18
C TYR B 168 7.79 -15.66 -12.70
N GLY B 169 8.72 -15.16 -13.52
CA GLY B 169 8.60 -15.23 -15.00
C GLY B 169 8.40 -13.87 -15.60
N GLU B 170 7.93 -13.81 -16.86
CA GLU B 170 7.86 -12.54 -17.64
C GLU B 170 6.55 -11.81 -17.32
N ILE B 171 6.36 -11.41 -16.06
CA ILE B 171 5.09 -10.78 -15.61
C ILE B 171 5.10 -9.31 -15.99
N PHE B 172 6.23 -8.64 -15.81
CA PHE B 172 6.39 -7.20 -16.12
C PHE B 172 7.32 -7.01 -17.32
N LYS B 173 7.12 -5.90 -18.02
CA LYS B 173 8.13 -5.33 -18.93
C LYS B 173 9.11 -4.51 -18.10
N VAL B 174 10.38 -4.53 -18.47
CA VAL B 174 11.39 -3.65 -17.82
C VAL B 174 11.35 -2.32 -18.55
N PRO B 175 10.90 -1.23 -17.88
CA PRO B 175 10.72 0.04 -18.56
C PRO B 175 12.06 0.75 -18.77
N GLU B 176 12.10 1.62 -19.78
CA GLU B 176 13.30 2.43 -20.09
C GLU B 176 12.93 3.90 -19.95
N PRO B 177 13.86 4.73 -19.41
CA PRO B 177 13.62 6.16 -19.33
C PRO B 177 13.64 6.80 -20.72
N PHE B 178 12.82 7.82 -20.90
CA PHE B 178 12.86 8.72 -22.07
C PHE B 178 13.02 10.15 -21.56
N ILE B 179 14.28 10.55 -21.37
CA ILE B 179 14.65 11.89 -20.83
C ILE B 179 15.16 12.71 -22.01
N PRO B 180 14.61 13.92 -22.26
CA PRO B 180 14.96 14.67 -23.46
C PRO B 180 16.37 15.27 -23.39
N LYS B 181 16.88 15.68 -24.55
CA LYS B 181 18.22 16.32 -24.71
C LYS B 181 18.19 17.75 -24.17
N SER B 182 17.14 18.51 -24.50
CA SER B 182 16.89 19.87 -23.98
C SER B 182 15.82 19.81 -22.90
N GLY B 183 15.93 20.68 -21.89
CA GLY B 183 14.85 20.96 -20.95
C GLY B 183 14.55 19.80 -20.01
N ALA B 184 15.49 18.88 -19.81
CA ALA B 184 15.33 17.75 -18.86
C ALA B 184 15.43 18.25 -17.42
N ARG B 185 16.08 19.39 -17.21
CA ARG B 185 16.32 19.95 -15.86
C ARG B 185 16.34 21.47 -15.96
N VAL B 186 15.16 22.06 -16.14
CA VAL B 186 14.97 23.54 -16.23
C VAL B 186 15.17 24.12 -14.83
N MET B 187 15.95 25.19 -14.75
CA MET B 187 16.44 25.72 -13.45
C MET B 187 15.66 26.96 -13.01
N SER B 188 15.76 27.29 -11.74
CA SER B 188 15.07 28.44 -11.11
C SER B 188 15.68 29.75 -11.61
N LEU B 189 14.84 30.75 -11.91
CA LEU B 189 15.28 32.01 -12.55
C LEU B 189 16.19 32.83 -11.63
N LEU B 190 15.99 32.81 -10.30
CA LEU B 190 16.84 33.59 -9.37
C LEU B 190 17.85 32.68 -8.65
N GLU B 191 17.76 31.36 -8.83
CA GLU B 191 18.68 30.39 -8.20
C GLU B 191 18.97 29.27 -9.21
N PRO B 192 19.73 29.56 -10.29
CA PRO B 192 19.88 28.63 -11.40
C PRO B 192 20.68 27.34 -11.13
N THR B 193 21.14 27.14 -9.89
CA THR B 193 21.73 25.85 -9.42
C THR B 193 20.64 24.97 -8.80
N LYS B 194 19.41 25.48 -8.64
CA LYS B 194 18.27 24.71 -8.10
C LYS B 194 17.23 24.53 -9.21
N LYS B 195 16.74 23.31 -9.41
CA LYS B 195 15.77 23.05 -10.50
C LYS B 195 14.49 23.84 -10.22
N MET B 196 13.78 24.18 -11.29
CA MET B 196 12.51 24.93 -11.18
C MET B 196 11.47 24.03 -10.51
N SER B 197 10.86 24.56 -9.45
CA SER B 197 9.88 23.86 -8.58
C SER B 197 8.47 24.28 -8.98
N LYS B 198 7.51 23.36 -8.96
CA LYS B 198 6.09 23.71 -9.21
C LYS B 198 5.42 24.18 -7.90
N SER B 199 6.15 24.23 -6.78
CA SER B 199 5.61 24.69 -5.47
C SER B 199 6.60 25.63 -4.78
N ASP B 200 7.25 26.51 -5.54
CA ASP B 200 8.30 27.40 -4.99
C ASP B 200 7.64 28.48 -4.11
N ASP B 201 8.19 28.69 -2.92
CA ASP B 201 7.77 29.79 -2.01
C ASP B 201 7.99 31.15 -2.69
N ASN B 202 9.01 31.24 -3.55
CA ASN B 202 9.31 32.47 -4.33
C ASN B 202 8.85 32.28 -5.77
N ARG B 203 7.72 32.89 -6.14
CA ARG B 203 7.11 32.78 -7.49
C ARG B 203 8.06 33.35 -8.56
N ASN B 204 8.96 34.26 -8.19
CA ASN B 204 9.91 34.89 -9.17
C ASN B 204 10.90 33.86 -9.73
N ASN B 205 11.00 32.68 -9.12
CA ASN B 205 11.88 31.59 -9.62
C ASN B 205 11.25 30.86 -10.81
N VAL B 206 9.94 30.96 -11.02
CA VAL B 206 9.21 29.98 -11.87
C VAL B 206 8.54 30.65 -13.07
N ILE B 207 8.40 29.87 -14.13
CA ILE B 207 7.51 30.18 -15.28
C ILE B 207 6.37 29.17 -15.19
N GLY B 208 5.25 29.59 -14.60
CA GLY B 208 4.05 28.76 -14.49
C GLY B 208 3.32 28.71 -15.82
N LEU B 209 2.82 27.53 -16.20
CA LEU B 209 2.14 27.35 -17.52
C LEU B 209 0.86 28.20 -17.60
N LEU B 210 0.20 28.46 -16.48
CA LEU B 210 -1.08 29.24 -16.46
C LEU B 210 -0.86 30.66 -15.93
N GLU B 211 0.39 31.11 -15.77
CA GLU B 211 0.68 32.46 -15.23
C GLU B 211 0.48 33.51 -16.33
N ASP B 212 0.07 34.71 -15.92
CA ASP B 212 -0.06 35.86 -16.83
C ASP B 212 1.22 35.98 -17.65
N PRO B 213 1.18 35.87 -19.00
CA PRO B 213 2.38 36.06 -19.81
C PRO B 213 3.16 37.35 -19.50
N LYS B 214 2.45 38.46 -19.21
CA LYS B 214 3.11 39.76 -18.89
C LYS B 214 3.96 39.63 -17.62
N SER B 215 3.47 38.89 -16.63
CA SER B 215 4.21 38.61 -15.38
C SER B 215 5.44 37.75 -15.69
N VAL B 216 5.27 36.75 -16.55
CA VAL B 216 6.37 35.82 -16.94
C VAL B 216 7.47 36.59 -17.66
N VAL B 217 7.11 37.52 -18.54
CA VAL B 217 8.11 38.34 -19.30
C VAL B 217 8.97 39.16 -18.34
N LYS B 218 8.37 39.75 -17.30
CA LYS B 218 9.10 40.53 -16.28
C LYS B 218 10.08 39.62 -15.52
N LYS B 219 9.64 38.41 -15.16
CA LYS B 219 10.48 37.45 -14.40
C LYS B 219 11.68 37.02 -15.23
N ILE B 220 11.48 36.82 -16.53
CA ILE B 220 12.58 36.42 -17.46
C ILE B 220 13.62 37.56 -17.49
N LYS B 221 13.16 38.81 -17.58
CA LYS B 221 14.04 40.02 -17.65
C LYS B 221 14.87 40.14 -16.37
N ARG B 222 14.36 39.66 -15.23
CA ARG B 222 15.06 39.74 -13.93
C ARG B 222 15.86 38.47 -13.64
N ALA B 223 15.84 37.47 -14.52
CA ALA B 223 16.57 36.20 -14.29
C ALA B 223 18.05 36.50 -14.10
N VAL B 224 18.70 35.87 -13.11
CA VAL B 224 20.13 36.16 -12.83
C VAL B 224 20.97 35.55 -13.95
N THR B 225 22.04 36.23 -14.30
CA THR B 225 23.00 35.82 -15.36
C THR B 225 24.37 35.69 -14.70
N ASP B 226 25.35 36.48 -15.13
CA ASP B 226 26.72 36.37 -14.58
C ASP B 226 27.44 37.71 -14.76
N SER B 227 28.65 37.78 -14.22
CA SER B 227 29.49 39.00 -14.21
C SER B 227 30.44 39.06 -15.41
N ASP B 228 30.29 38.16 -16.39
CA ASP B 228 31.24 38.04 -17.52
C ASP B 228 31.39 39.40 -18.21
N GLU B 229 32.63 39.76 -18.52
CA GLU B 229 32.96 41.04 -19.18
C GLU B 229 33.92 40.77 -20.33
N PRO B 230 33.50 40.93 -21.60
CA PRO B 230 32.14 41.35 -21.94
C PRO B 230 31.09 40.27 -21.70
N PRO B 231 29.80 40.62 -21.57
CA PRO B 231 28.75 39.61 -21.52
C PRO B 231 28.81 38.79 -22.82
N VAL B 232 28.71 37.46 -22.69
CA VAL B 232 28.72 36.54 -23.88
C VAL B 232 27.64 35.50 -23.67
N VAL B 233 26.88 35.25 -24.74
CA VAL B 233 25.80 34.23 -24.73
C VAL B 233 26.42 32.89 -25.14
N ARG B 234 26.76 32.09 -24.13
CA ARG B 234 27.41 30.76 -24.33
C ARG B 234 26.85 29.77 -23.32
N TYR B 235 26.55 28.55 -23.76
CA TYR B 235 26.06 27.47 -22.87
C TYR B 235 27.24 26.93 -22.06
N ASP B 236 27.13 27.01 -20.75
CA ASP B 236 28.16 26.54 -19.79
C ASP B 236 27.53 26.50 -18.39
N VAL B 237 27.04 25.32 -18.00
CA VAL B 237 26.23 25.16 -16.75
C VAL B 237 27.07 25.56 -15.53
N GLN B 238 28.36 25.20 -15.52
CA GLN B 238 29.22 25.38 -14.33
C GLN B 238 29.54 26.86 -14.13
N ASN B 239 29.84 27.58 -15.21
CA ASN B 239 30.34 28.98 -15.15
C ASN B 239 29.23 29.99 -15.43
N LYS B 240 28.16 29.56 -16.13
CA LYS B 240 27.12 30.49 -16.63
C LYS B 240 25.75 29.83 -16.49
N ALA B 241 25.40 29.44 -15.26
CA ALA B 241 24.17 28.66 -14.98
C ALA B 241 22.93 29.41 -15.50
N GLY B 242 22.82 30.71 -15.22
CA GLY B 242 21.63 31.51 -15.58
C GLY B 242 21.47 31.65 -17.08
N VAL B 243 22.53 32.07 -17.76
CA VAL B 243 22.55 32.24 -19.24
C VAL B 243 22.26 30.90 -19.91
N SER B 244 22.88 29.82 -19.42
CA SER B 244 22.68 28.44 -19.94
C SER B 244 21.21 28.04 -19.81
N ASN B 245 20.60 28.27 -18.66
CA ASN B 245 19.17 27.96 -18.40
C ASN B 245 18.28 28.73 -19.38
N LEU B 246 18.59 30.00 -19.63
CA LEU B 246 17.81 30.84 -20.60
C LEU B 246 17.94 30.25 -22.00
N LEU B 247 19.15 29.86 -22.41
CA LEU B 247 19.39 29.24 -23.75
C LEU B 247 18.65 27.90 -23.85
N ASP B 248 18.63 27.11 -22.77
CA ASP B 248 17.95 25.78 -22.75
C ASP B 248 16.45 26.00 -22.97
N ILE B 249 15.88 26.97 -22.28
CA ILE B 249 14.44 27.32 -22.42
C ILE B 249 14.16 27.77 -23.86
N LEU B 250 14.96 28.70 -24.38
CA LEU B 250 14.75 29.21 -25.77
C LEU B 250 14.83 28.05 -26.76
N SER B 251 15.85 27.21 -26.64
CA SER B 251 16.08 26.03 -27.51
C SER B 251 14.86 25.11 -27.48
N ALA B 252 14.34 24.83 -26.28
CA ALA B 252 13.19 23.93 -26.06
C ALA B 252 11.91 24.50 -26.70
N VAL B 253 11.69 25.81 -26.62
CA VAL B 253 10.46 26.44 -27.16
C VAL B 253 10.55 26.49 -28.69
N THR B 254 11.66 26.99 -29.22
CA THR B 254 11.80 27.34 -30.66
C THR B 254 12.28 26.14 -31.49
N GLY B 255 12.90 25.14 -30.87
CA GLY B 255 13.47 23.98 -31.58
C GLY B 255 14.88 24.26 -32.12
N GLN B 256 15.41 25.46 -31.92
CA GLN B 256 16.77 25.83 -32.38
C GLN B 256 17.81 25.18 -31.47
N SER B 257 18.90 24.68 -32.04
CA SER B 257 20.01 24.04 -31.29
C SER B 257 20.82 25.08 -30.52
N ILE B 258 21.63 24.63 -29.56
CA ILE B 258 22.53 25.52 -28.77
C ILE B 258 23.56 26.15 -29.72
N PRO B 259 24.27 25.38 -30.57
CA PRO B 259 25.16 25.99 -31.55
C PRO B 259 24.47 27.03 -32.43
N GLU B 260 23.23 26.78 -32.85
CA GLU B 260 22.46 27.76 -33.67
C GLU B 260 22.23 29.04 -32.88
N LEU B 261 21.79 28.92 -31.62
CA LEU B 261 21.48 30.11 -30.78
C LEU B 261 22.77 30.87 -30.44
N GLU B 262 23.84 30.16 -30.09
CA GLU B 262 25.15 30.82 -29.80
C GLU B 262 25.59 31.63 -31.03
N LYS B 263 25.41 31.09 -32.23
CA LYS B 263 25.76 31.82 -33.49
C LYS B 263 24.86 33.05 -33.62
N GLN B 264 23.56 32.87 -33.43
CA GLN B 264 22.53 33.96 -33.52
C GLN B 264 22.90 35.11 -32.58
N PHE B 265 23.42 34.81 -31.38
CA PHE B 265 23.69 35.84 -30.35
C PHE B 265 25.16 36.32 -30.37
N GLU B 266 25.94 35.96 -31.38
CA GLU B 266 27.33 36.48 -31.50
C GLU B 266 27.27 38.00 -31.62
N GLY B 267 28.11 38.69 -30.87
CA GLY B 267 28.13 40.18 -30.83
C GLY B 267 26.96 40.76 -30.06
N LYS B 268 26.19 39.92 -29.38
CA LYS B 268 25.00 40.37 -28.61
C LYS B 268 25.18 39.95 -27.15
N MET B 269 24.38 40.55 -26.28
CA MET B 269 24.54 40.39 -24.82
C MET B 269 23.21 39.90 -24.25
N TYR B 270 22.96 40.08 -22.96
CA TYR B 270 21.85 39.36 -22.29
C TYR B 270 20.51 40.03 -22.58
N GLY B 271 20.49 41.28 -23.05
CA GLY B 271 19.26 41.97 -23.47
C GLY B 271 18.62 41.23 -24.63
N HIS B 272 19.40 40.94 -25.67
CA HIS B 272 18.92 40.19 -26.86
C HIS B 272 18.45 38.79 -26.44
N LEU B 273 19.23 38.08 -25.64
CA LEU B 273 18.88 36.72 -25.16
C LEU B 273 17.53 36.79 -24.42
N LYS B 274 17.42 37.62 -23.40
CA LYS B 274 16.18 37.72 -22.57
C LYS B 274 14.98 38.18 -23.42
N GLY B 275 15.20 39.10 -24.36
CA GLY B 275 14.16 39.54 -25.30
C GLY B 275 13.60 38.37 -26.08
N GLU B 276 14.47 37.49 -26.59
CA GLU B 276 14.05 36.34 -27.43
C GLU B 276 13.40 35.26 -26.55
N VAL B 277 13.95 34.97 -25.37
CA VAL B 277 13.32 34.02 -24.41
C VAL B 277 11.91 34.54 -24.06
N ALA B 278 11.80 35.80 -23.68
CA ALA B 278 10.51 36.41 -23.24
C ALA B 278 9.47 36.31 -24.36
N ASP B 279 9.87 36.61 -25.61
CA ASP B 279 8.94 36.62 -26.76
C ASP B 279 8.45 35.20 -27.06
N ALA B 280 9.37 34.24 -27.11
CA ALA B 280 9.07 32.83 -27.41
C ALA B 280 8.15 32.25 -26.33
N VAL B 281 8.48 32.49 -25.05
CA VAL B 281 7.71 31.92 -23.91
C VAL B 281 6.33 32.59 -23.85
N SER B 282 6.27 33.92 -23.98
CA SER B 282 4.99 34.68 -23.95
C SER B 282 4.03 34.12 -25.00
N GLY B 283 4.52 33.92 -26.23
CA GLY B 283 3.73 33.35 -27.35
C GLY B 283 3.21 31.96 -27.05
N MET B 284 4.08 31.08 -26.55
CA MET B 284 3.72 29.69 -26.18
C MET B 284 2.61 29.71 -25.13
N LEU B 285 2.77 30.50 -24.07
CA LEU B 285 1.83 30.52 -22.92
C LEU B 285 0.50 31.17 -23.31
N THR B 286 0.54 32.24 -24.11
CA THR B 286 -0.70 32.89 -24.60
C THR B 286 -1.56 31.84 -25.33
N GLU B 287 -0.97 31.11 -26.27
CA GLU B 287 -1.71 30.11 -27.10
C GLU B 287 -2.16 28.94 -26.23
N LEU B 288 -1.27 28.43 -25.39
CA LEU B 288 -1.58 27.30 -24.47
C LEU B 288 -2.78 27.67 -23.60
N GLN B 289 -2.77 28.88 -23.04
CA GLN B 289 -3.80 29.33 -22.06
C GLN B 289 -5.15 29.50 -22.75
N GLU B 290 -5.14 29.94 -24.01
CA GLU B 290 -6.37 30.08 -24.81
C GLU B 290 -7.04 28.71 -24.99
N ARG B 291 -6.24 27.67 -25.27
CA ARG B 291 -6.77 26.28 -25.41
C ARG B 291 -7.23 25.78 -24.03
N TYR B 292 -6.47 26.10 -22.98
CA TYR B 292 -6.72 25.62 -21.60
C TYR B 292 -8.13 26.00 -21.12
N HIS B 293 -8.53 27.26 -21.29
CA HIS B 293 -9.82 27.75 -20.76
C HIS B 293 -10.98 27.08 -21.49
N ARG B 294 -10.84 26.82 -22.80
CA ARG B 294 -11.87 26.10 -23.60
C ARG B 294 -12.12 24.71 -23.02
N PHE B 295 -11.06 23.99 -22.62
CA PHE B 295 -11.19 22.65 -22.00
C PHE B 295 -11.61 22.76 -20.53
N ARG B 296 -11.00 23.67 -19.78
CA ARG B 296 -11.14 23.72 -18.30
C ARG B 296 -12.59 24.03 -17.89
N ASN B 297 -13.29 24.85 -18.67
CA ASN B 297 -14.67 25.30 -18.36
C ASN B 297 -15.72 24.35 -18.97
N ASP B 298 -15.28 23.27 -19.63
CA ASP B 298 -16.19 22.28 -20.27
C ASP B 298 -16.22 21.02 -19.39
N GLU B 299 -17.03 21.04 -18.32
CA GLU B 299 -17.01 19.95 -17.30
C GLU B 299 -17.53 18.64 -17.90
N ALA B 300 -18.49 18.70 -18.83
CA ALA B 300 -19.02 17.50 -19.51
C ALA B 300 -17.87 16.78 -20.23
N PHE B 301 -17.02 17.54 -20.91
CA PHE B 301 -15.88 16.98 -21.67
C PHE B 301 -14.85 16.37 -20.71
N LEU B 302 -14.46 17.11 -19.68
CA LEU B 302 -13.48 16.60 -18.69
C LEU B 302 -14.04 15.31 -18.04
N GLN B 303 -15.32 15.32 -17.68
CA GLN B 303 -15.99 14.15 -17.04
C GLN B 303 -15.92 12.95 -17.99
N GLN B 304 -16.20 13.15 -19.28
CA GLN B 304 -16.16 12.05 -20.28
C GLN B 304 -14.72 11.53 -20.46
N VAL B 305 -13.73 12.42 -20.47
CA VAL B 305 -12.31 12.02 -20.69
C VAL B 305 -11.86 11.16 -19.50
N MET B 306 -12.22 11.54 -18.27
CA MET B 306 -11.86 10.77 -17.06
C MET B 306 -12.56 9.40 -17.09
N LYS B 307 -13.83 9.36 -17.50
CA LYS B 307 -14.61 8.10 -17.52
C LYS B 307 -13.97 7.13 -18.52
N ASP B 308 -13.77 7.59 -19.75
CA ASP B 308 -13.21 6.78 -20.87
C ASP B 308 -11.78 6.34 -20.50
N GLY B 309 -10.99 7.25 -19.95
CA GLY B 309 -9.59 6.97 -19.58
C GLY B 309 -9.48 5.90 -18.51
N ALA B 310 -10.25 6.03 -17.43
CA ALA B 310 -10.23 5.05 -16.32
C ALA B 310 -10.67 3.68 -16.84
N GLU B 311 -11.64 3.66 -17.77
CA GLU B 311 -12.14 2.39 -18.36
C GLU B 311 -11.01 1.71 -19.15
N LYS B 312 -10.33 2.45 -20.02
CA LYS B 312 -9.21 1.92 -20.83
C LYS B 312 -8.07 1.46 -19.90
N ALA B 313 -7.73 2.29 -18.90
CA ALA B 313 -6.65 1.97 -17.94
C ALA B 313 -7.00 0.70 -17.16
N SER B 314 -8.22 0.59 -16.65
CA SER B 314 -8.68 -0.56 -15.83
C SER B 314 -8.47 -1.88 -16.58
N ALA B 315 -8.75 -1.91 -17.89
CA ALA B 315 -8.63 -3.13 -18.72
C ALA B 315 -7.18 -3.62 -18.70
N HIS B 316 -6.22 -2.74 -18.95
CA HIS B 316 -4.78 -3.05 -18.90
C HIS B 316 -4.36 -3.45 -17.48
N ALA B 317 -4.71 -2.65 -16.49
CA ALA B 317 -4.22 -2.80 -15.10
C ALA B 317 -4.73 -4.10 -14.48
N SER B 318 -6.02 -4.41 -14.66
CA SER B 318 -6.65 -5.64 -14.11
C SER B 318 -5.96 -6.89 -14.67
N ARG B 319 -5.56 -6.86 -15.95
CA ARG B 319 -4.86 -8.00 -16.60
C ARG B 319 -3.51 -8.24 -15.91
N THR B 320 -2.73 -7.19 -15.69
CA THR B 320 -1.39 -7.30 -15.05
C THR B 320 -1.56 -7.75 -13.59
N LEU B 321 -2.49 -7.15 -12.86
CA LEU B 321 -2.65 -7.48 -11.42
C LEU B 321 -3.07 -8.95 -11.25
N LYS B 322 -3.96 -9.43 -12.12
CA LYS B 322 -4.39 -10.86 -12.11
C LYS B 322 -3.16 -11.77 -12.22
N ALA B 323 -2.24 -11.45 -13.13
CA ALA B 323 -1.00 -12.25 -13.36
C ALA B 323 -0.08 -12.15 -12.13
N VAL B 324 0.04 -10.96 -11.54
CA VAL B 324 0.88 -10.74 -10.33
C VAL B 324 0.33 -11.60 -9.18
N TYR B 325 -0.98 -11.51 -8.94
CA TYR B 325 -1.67 -12.25 -7.85
C TYR B 325 -1.57 -13.76 -8.08
N GLU B 326 -1.68 -14.21 -9.33
CA GLU B 326 -1.54 -15.66 -9.65
C GLU B 326 -0.10 -16.09 -9.31
N ALA B 327 0.89 -15.29 -9.70
CA ALA B 327 2.33 -15.60 -9.51
C ALA B 327 2.69 -15.66 -8.02
N ILE B 328 2.25 -14.69 -7.22
CA ILE B 328 2.70 -14.62 -5.79
C ILE B 328 1.93 -15.64 -4.93
N GLY B 329 0.85 -16.22 -5.44
CA GLY B 329 0.15 -17.35 -4.78
C GLY B 329 -1.16 -16.98 -4.11
N PHE B 330 -1.80 -15.87 -4.48
CA PHE B 330 -3.13 -15.51 -3.90
C PHE B 330 -4.21 -16.38 -4.52
N VAL B 331 -5.20 -16.74 -3.71
CA VAL B 331 -6.48 -17.31 -4.22
C VAL B 331 -7.14 -16.24 -5.08
N ALA B 332 -7.44 -16.57 -6.34
CA ALA B 332 -8.03 -15.61 -7.30
C ALA B 332 -9.45 -15.25 -6.86
N LYS B 333 -9.79 -13.97 -6.93
CA LYS B 333 -11.16 -13.49 -6.66
C LYS B 333 -12.10 -14.08 -7.72
N ARG B 334 -13.29 -14.51 -7.29
CA ARG B 334 -14.29 -15.14 -8.19
C ARG B 334 -15.04 -14.05 -8.96
#